data_2VE4
#
_entry.id   2VE4
#
_cell.length_a   153.640
_cell.length_b   122.170
_cell.length_c   64.920
_cell.angle_alpha   90.00
_cell.angle_beta   115.00
_cell.angle_gamma   90.00
#
_symmetry.space_group_name_H-M   'C 1 2 1'
#
loop_
_entity.id
_entity.type
_entity.pdbx_description
1 polymer 'PUTATIVE CYTOCHROME P450 120'
2 non-polymer 'PROTOPORPHYRIN IX CONTAINING FE'
3 water water
#
_entity_poly.entity_id   1
_entity_poly.type   'polypeptide(L)'
_entity_poly.pdbx_seq_one_letter_code
;MITSPTNLNSLPIPPGDFGLPWLGETLNFLNDGDFGKKRQQQFGPIFKTRLFGKNVIFISGALANRFLFTKEQETFQATW
PLSTRILLGPNALATQMGEIHRSRRKILYQAFLPRTLDSYLPKMDGIVQGYLEQWGKANEVIWYPQLRRMTFDVAATLFM
GEKVSQNPQLFPWFETYIQGLFSLPIPLPNTLFGKSQRARALLLAELEKIIKARQQQPPSEEDALGILLAARDDNNQPLS
LPELKDQILLLLFAGHETLTSALSSFCLLLGQHSDIRERVRQEQNKLQLSQELTAETLKKMPYLDQVLQEVLRLIPPVGG
GFRELIQDCQFQGFHFPKGWLVSYQISQTHADPDLYPDPEKFDPERFTPDGSATHNPPFAHVPFGGGLRECLGKEFARLE
MKLFATRLIQQFDWTLLPGQNLELVVTPSPRPKDNLRVKLHSLM
;
_entity_poly.pdbx_strand_id   A,B
#
loop_
_chem_comp.id
_chem_comp.type
_chem_comp.name
_chem_comp.formula
HEM non-polymer 'PROTOPORPHYRIN IX CONTAINING FE' 'C34 H32 Fe N4 O4'
#
# COMPACT_ATOMS: atom_id res chain seq x y z
N LEU A 11 8.39 20.68 -18.65
CA LEU A 11 6.97 20.98 -19.03
C LEU A 11 6.10 19.78 -19.44
N PRO A 12 6.40 19.13 -20.60
CA PRO A 12 5.58 18.00 -21.09
C PRO A 12 6.05 16.63 -20.57
N ILE A 13 5.10 15.74 -20.30
CA ILE A 13 5.43 14.36 -19.90
C ILE A 13 5.67 13.48 -21.11
N PRO A 14 6.56 12.47 -20.98
CA PRO A 14 6.88 11.53 -22.07
C PRO A 14 5.65 10.88 -22.73
N PRO A 15 5.79 10.47 -24.01
CA PRO A 15 4.70 9.75 -24.68
C PRO A 15 4.57 8.32 -24.17
N GLY A 16 3.40 7.72 -24.38
CA GLY A 16 3.17 6.33 -23.98
C GLY A 16 1.87 6.09 -23.21
N ASP A 17 1.38 4.86 -23.27
CA ASP A 17 0.16 4.43 -22.60
C ASP A 17 0.31 4.09 -21.10
N PHE A 18 -0.45 4.80 -20.28
CA PHE A 18 -0.65 4.45 -18.88
C PHE A 18 -1.49 3.18 -18.77
N GLY A 19 -2.18 2.82 -19.85
CA GLY A 19 -3.14 1.72 -19.85
C GLY A 19 -4.12 1.84 -18.70
N LEU A 20 -4.41 0.70 -18.07
CA LEU A 20 -5.43 0.57 -17.04
C LEU A 20 -5.08 1.29 -15.71
N PRO A 21 -6.08 1.81 -14.97
CA PRO A 21 -5.78 2.46 -13.67
C PRO A 21 -5.27 1.50 -12.57
N TRP A 22 -4.21 1.92 -11.88
CA TRP A 22 -3.34 1.08 -11.04
C TRP A 22 -2.50 0.04 -11.85
N LEU A 23 -3.19 -0.91 -12.47
CA LEU A 23 -2.55 -2.06 -13.10
C LEU A 23 -1.64 -1.64 -14.25
N GLY A 24 -2.08 -0.68 -15.05
CA GLY A 24 -1.28 -0.19 -16.15
C GLY A 24 -0.93 -1.31 -17.10
N GLU A 25 0.32 -1.35 -17.51
CA GLU A 25 0.77 -2.34 -18.47
C GLU A 25 1.53 -3.49 -17.81
N THR A 26 1.37 -3.58 -16.49
CA THR A 26 1.92 -4.62 -15.62
C THR A 26 1.92 -6.02 -16.23
N LEU A 27 0.78 -6.46 -16.75
CA LEU A 27 0.69 -7.82 -17.29
C LEU A 27 1.49 -7.98 -18.58
N ASN A 28 1.61 -6.90 -19.34
CA ASN A 28 2.45 -6.87 -20.54
C ASN A 28 3.94 -6.91 -20.22
N PHE A 29 4.32 -6.14 -19.20
CA PHE A 29 5.67 -6.14 -18.63
C PHE A 29 6.09 -7.55 -18.18
N LEU A 30 5.18 -8.23 -17.49
CA LEU A 30 5.43 -9.55 -16.91
C LEU A 30 5.49 -10.66 -17.95
N ASN A 31 4.78 -10.46 -19.08
CA ASN A 31 4.63 -11.53 -20.07
C ASN A 31 5.44 -11.32 -21.36
N ASP A 32 5.70 -10.08 -21.72
CA ASP A 32 6.16 -9.75 -23.06
C ASP A 32 7.65 -9.50 -23.10
N GLY A 33 8.33 -10.25 -23.97
CA GLY A 33 9.79 -10.29 -24.03
C GLY A 33 10.35 -9.00 -24.56
N ASP A 34 9.88 -8.61 -25.74
CA ASP A 34 10.22 -7.33 -26.30
C ASP A 34 9.09 -6.36 -25.99
N PHE A 35 9.01 -5.99 -24.70
CA PHE A 35 8.04 -5.07 -24.14
C PHE A 35 8.55 -3.64 -24.32
N GLY A 36 9.82 -3.45 -23.97
CA GLY A 36 10.47 -2.13 -23.99
C GLY A 36 10.85 -1.73 -25.40
N LYS A 37 10.99 -2.71 -26.27
CA LYS A 37 11.34 -2.50 -27.65
C LYS A 37 10.12 -1.96 -28.42
N LYS A 38 8.97 -2.64 -28.25
CA LYS A 38 7.71 -2.24 -28.89
C LYS A 38 7.29 -0.81 -28.58
N ARG A 39 7.53 -0.37 -27.35
CA ARG A 39 7.09 0.93 -26.88
C ARG A 39 8.15 2.02 -27.09
N GLN A 40 9.36 1.60 -27.40
CA GLN A 40 10.43 2.52 -27.75
C GLN A 40 10.27 2.87 -29.22
N GLN A 41 9.76 1.92 -29.99
CA GLN A 41 9.57 2.10 -31.42
C GLN A 41 8.33 2.94 -31.75
N GLN A 42 7.29 2.81 -30.95
CA GLN A 42 6.07 3.58 -31.15
C GLN A 42 6.28 5.00 -30.65
N PHE A 43 6.96 5.12 -29.51
CA PHE A 43 6.99 6.36 -28.73
C PHE A 43 8.38 6.99 -28.65
N GLY A 44 9.38 6.37 -29.27
CA GLY A 44 10.72 6.96 -29.28
C GLY A 44 11.57 6.60 -28.08
N PRO A 45 12.57 7.44 -27.75
CA PRO A 45 13.66 7.03 -26.84
C PRO A 45 13.27 7.13 -25.35
N ILE A 46 12.33 8.02 -25.05
CA ILE A 46 11.83 8.23 -23.70
C ILE A 46 10.32 8.01 -23.72
N PHE A 47 9.89 6.87 -23.16
CA PHE A 47 8.47 6.54 -23.09
C PHE A 47 7.96 6.28 -21.66
N LYS A 48 6.77 6.80 -21.36
CA LYS A 48 6.09 6.48 -20.11
C LYS A 48 5.28 5.18 -20.24
N THR A 49 4.97 4.59 -19.08
CA THR A 49 4.09 3.42 -18.94
C THR A 49 3.56 3.42 -17.51
N ARG A 50 2.95 2.31 -17.08
CA ARG A 50 2.51 2.19 -15.70
C ARG A 50 2.67 0.76 -15.21
N LEU A 51 3.37 0.61 -14.10
CA LEU A 51 3.67 -0.71 -13.57
C LEU A 51 3.35 -0.83 -12.08
N PHE A 52 2.46 -1.77 -11.75
CA PHE A 52 2.06 -2.06 -10.36
C PHE A 52 1.72 -0.80 -9.58
N GLY A 53 0.86 0.04 -10.14
CA GLY A 53 0.33 1.21 -9.45
C GLY A 53 1.25 2.41 -9.38
N LYS A 54 2.36 2.32 -10.12
CA LYS A 54 3.33 3.41 -10.27
C LYS A 54 3.46 3.73 -11.74
N ASN A 55 3.54 5.02 -12.07
CA ASN A 55 3.93 5.44 -13.42
C ASN A 55 5.43 5.41 -13.56
N VAL A 56 5.87 5.04 -14.76
CA VAL A 56 7.26 4.68 -14.99
C VAL A 56 7.78 5.20 -16.34
N ILE A 57 8.94 5.85 -16.32
CA ILE A 57 9.62 6.32 -17.52
C ILE A 57 10.80 5.40 -17.84
N PHE A 58 10.80 4.87 -19.05
CA PHE A 58 11.94 4.12 -19.55
C PHE A 58 12.89 5.04 -20.35
N ILE A 59 14.12 5.17 -19.85
CA ILE A 59 15.20 5.87 -20.57
C ILE A 59 16.36 4.91 -20.90
N SER A 60 17.30 5.34 -21.76
CA SER A 60 18.52 4.56 -22.05
C SER A 60 19.64 5.31 -22.83
N GLY A 61 20.86 4.77 -22.76
CA GLY A 61 22.03 5.39 -23.40
C GLY A 61 22.74 6.35 -22.47
N ALA A 62 23.93 6.77 -22.88
CA ALA A 62 24.88 7.50 -22.03
C ALA A 62 24.34 8.76 -21.36
N LEU A 63 23.49 9.51 -22.06
CA LEU A 63 23.02 10.78 -21.53
C LEU A 63 21.98 10.57 -20.40
N ALA A 64 21.20 9.51 -20.51
CA ALA A 64 20.22 9.11 -19.50
C ALA A 64 20.91 8.58 -18.24
N ASN A 65 21.93 7.75 -18.42
CA ASN A 65 22.77 7.26 -17.33
C ASN A 65 23.42 8.38 -16.51
N ARG A 66 24.13 9.28 -17.19
CA ARG A 66 24.68 10.47 -16.53
C ARG A 66 23.63 11.18 -15.69
N PHE A 67 22.42 11.34 -16.22
CA PHE A 67 21.30 11.97 -15.51
C PHE A 67 20.96 11.20 -14.21
N LEU A 68 20.81 9.88 -14.33
CA LEU A 68 20.53 9.01 -13.18
C LEU A 68 21.64 8.98 -12.13
N PHE A 69 22.89 9.10 -12.59
CA PHE A 69 24.05 9.01 -11.72
C PHE A 69 24.59 10.39 -11.38
N THR A 70 23.72 11.39 -11.42
CA THR A 70 24.09 12.80 -11.35
C THR A 70 23.14 13.51 -10.40
N LYS A 71 23.69 14.28 -9.46
CA LYS A 71 22.91 14.90 -8.37
C LYS A 71 22.04 13.87 -7.63
N GLU A 72 22.48 12.62 -7.70
CA GLU A 72 21.67 11.45 -7.37
C GLU A 72 20.97 11.53 -6.04
N GLN A 73 21.69 11.88 -4.99
CA GLN A 73 21.16 11.85 -3.63
C GLN A 73 19.73 12.41 -3.46
N GLU A 74 19.51 13.64 -3.92
CA GLU A 74 18.24 14.36 -3.71
C GLU A 74 17.14 14.01 -4.73
N THR A 75 17.55 13.45 -5.87
CA THR A 75 16.64 13.11 -6.99
C THR A 75 16.07 11.69 -6.91
N PHE A 76 16.96 10.67 -6.96
CA PHE A 76 16.57 9.23 -7.04
C PHE A 76 16.84 8.38 -5.80
N GLN A 77 15.90 7.49 -5.50
CA GLN A 77 16.09 6.45 -4.49
C GLN A 77 15.73 5.06 -5.05
N ALA A 78 16.34 4.01 -4.50
CA ALA A 78 16.11 2.65 -4.97
C ALA A 78 14.66 2.29 -4.83
N THR A 79 14.22 1.29 -5.59
CA THR A 79 12.84 0.84 -5.57
C THR A 79 12.83 -0.65 -5.99
N TRP A 80 12.05 -1.45 -5.26
CA TRP A 80 11.95 -2.89 -5.46
C TRP A 80 10.50 -3.32 -5.45
N PRO A 81 10.16 -4.38 -6.22
CA PRO A 81 8.83 -5.03 -6.16
C PRO A 81 8.48 -5.51 -4.75
N LEU A 82 7.18 -5.72 -4.45
CA LEU A 82 6.80 -6.08 -3.08
C LEU A 82 7.43 -7.40 -2.60
N SER A 83 7.48 -8.42 -3.47
CA SER A 83 8.07 -9.71 -3.12
C SER A 83 9.57 -9.63 -2.80
N THR A 84 10.27 -8.78 -3.54
CA THR A 84 11.71 -8.59 -3.34
C THR A 84 11.94 -7.87 -2.01
N ARG A 85 11.21 -6.78 -1.72
CA ARG A 85 11.38 -6.09 -0.42
C ARG A 85 11.28 -7.06 0.73
N ILE A 86 10.24 -7.88 0.69
CA ILE A 86 9.95 -8.87 1.73
C ILE A 86 11.03 -9.97 1.86
N LEU A 87 11.45 -10.53 0.74
CA LEU A 87 12.43 -11.64 0.76
C LEU A 87 13.87 -11.23 1.00
N LEU A 88 14.23 -10.01 0.60
CA LEU A 88 15.51 -9.37 0.95
C LEU A 88 15.49 -8.91 2.41
N GLY A 89 14.37 -8.33 2.81
CA GLY A 89 14.19 -7.89 4.18
C GLY A 89 14.52 -6.41 4.27
N PRO A 90 14.17 -5.80 5.41
CA PRO A 90 14.35 -4.36 5.68
C PRO A 90 15.77 -3.94 6.09
N ASN A 91 16.69 -4.91 6.22
CA ASN A 91 18.02 -4.63 6.76
C ASN A 91 19.15 -5.06 5.83
N ALA A 92 18.86 -5.01 4.53
CA ALA A 92 19.82 -5.30 3.48
C ALA A 92 20.22 -4.01 2.77
N LEU A 93 21.44 -3.97 2.24
CA LEU A 93 21.94 -2.78 1.58
C LEU A 93 20.97 -2.31 0.50
N ALA A 94 20.50 -3.27 -0.30
CA ALA A 94 19.58 -3.03 -1.42
C ALA A 94 18.30 -2.28 -1.00
N THR A 95 17.76 -2.63 0.15
CA THR A 95 16.50 -2.05 0.64
C THR A 95 16.66 -0.94 1.72
N GLN A 96 17.89 -0.61 2.08
CA GLN A 96 18.12 0.49 3.01
C GLN A 96 18.28 1.83 2.26
N MET A 97 18.02 2.93 2.95
CA MET A 97 17.95 4.23 2.27
C MET A 97 18.79 5.31 2.93
N GLY A 98 18.96 6.40 2.18
CA GLY A 98 19.70 7.57 2.62
C GLY A 98 20.98 7.30 3.38
N GLU A 99 20.98 7.71 4.65
CA GLU A 99 22.17 7.75 5.47
C GLU A 99 22.53 6.39 6.07
N ILE A 100 21.52 5.53 6.26
CA ILE A 100 21.75 4.12 6.60
C ILE A 100 22.45 3.40 5.41
N HIS A 101 21.90 3.52 4.20
CA HIS A 101 22.58 3.00 3.00
C HIS A 101 24.01 3.55 2.83
N ARG A 102 24.15 4.88 2.99
CA ARG A 102 25.48 5.57 3.09
C ARG A 102 26.41 4.91 4.13
N SER A 103 25.92 4.70 5.34
CA SER A 103 26.67 3.95 6.36
C SER A 103 27.00 2.48 6.01
N ARG A 104 26.00 1.69 5.62
CA ARG A 104 26.23 0.26 5.35
C ARG A 104 27.08 -0.01 4.12
N ARG A 105 27.02 0.88 3.13
CA ARG A 105 27.92 0.79 1.98
C ARG A 105 29.40 0.92 2.32
N LYS A 106 29.73 1.80 3.29
CA LYS A 106 31.11 1.95 3.80
C LYS A 106 31.52 0.73 4.62
N ILE A 107 30.59 0.23 5.42
CA ILE A 107 30.85 -0.97 6.20
C ILE A 107 31.23 -2.12 5.28
N LEU A 108 30.35 -2.43 4.32
CA LEU A 108 30.54 -3.57 3.41
C LEU A 108 31.72 -3.46 2.44
N TYR A 109 32.08 -2.24 2.07
CA TYR A 109 33.26 -2.04 1.23
C TYR A 109 34.56 -2.54 1.91
N GLN A 110 34.53 -2.73 3.22
CA GLN A 110 35.68 -3.30 3.93
C GLN A 110 36.03 -4.73 3.44
N ALA A 111 34.99 -5.53 3.17
CA ALA A 111 35.15 -6.85 2.53
C ALA A 111 35.75 -6.84 1.10
N PHE A 112 35.90 -5.66 0.49
CA PHE A 112 36.27 -5.51 -0.92
C PHE A 112 37.45 -4.59 -1.23
N LEU A 113 38.24 -4.23 -0.22
CA LEU A 113 39.44 -3.40 -0.40
C LEU A 113 40.45 -4.14 -1.23
N PRO A 114 41.27 -3.44 -2.01
CA PRO A 114 42.16 -4.17 -2.93
C PRO A 114 43.05 -5.24 -2.25
N ARG A 115 43.34 -5.08 -0.96
CA ARG A 115 44.24 -6.01 -0.24
C ARG A 115 43.51 -7.11 0.54
N THR A 116 42.24 -6.88 0.83
CA THR A 116 41.34 -7.94 1.29
C THR A 116 41.03 -8.87 0.11
N LEU A 117 40.84 -8.29 -1.07
CA LEU A 117 40.71 -9.02 -2.34
C LEU A 117 41.94 -9.90 -2.69
N ASP A 118 43.12 -9.30 -2.73
CA ASP A 118 44.38 -10.05 -2.90
C ASP A 118 44.44 -11.29 -2.00
N SER A 119 44.07 -11.09 -0.73
CA SER A 119 44.16 -12.10 0.29
C SER A 119 43.14 -13.23 0.12
N TYR A 120 42.16 -13.02 -0.77
CA TYR A 120 41.14 -14.03 -1.11
C TYR A 120 41.60 -15.06 -2.14
N LEU A 121 42.66 -14.72 -2.86
CA LEU A 121 43.14 -15.53 -3.99
C LEU A 121 43.47 -17.03 -3.76
N PRO A 122 44.20 -17.36 -2.66
CA PRO A 122 44.42 -18.78 -2.36
C PRO A 122 43.14 -19.62 -2.34
N LYS A 123 42.24 -19.38 -1.37
CA LYS A 123 41.00 -20.15 -1.22
C LYS A 123 40.19 -20.18 -2.52
N MET A 124 40.01 -19.02 -3.10
CA MET A 124 39.39 -18.85 -4.38
C MET A 124 40.08 -19.71 -5.46
N ASP A 125 41.42 -19.73 -5.44
CA ASP A 125 42.18 -20.48 -6.45
C ASP A 125 42.00 -21.99 -6.26
N GLY A 126 42.02 -22.44 -5.01
CA GLY A 126 41.77 -23.83 -4.66
C GLY A 126 40.40 -24.33 -5.11
N ILE A 127 39.39 -23.47 -5.02
CA ILE A 127 38.01 -23.83 -5.40
C ILE A 127 37.83 -23.88 -6.93
N VAL A 128 38.53 -22.99 -7.63
CA VAL A 128 38.55 -22.98 -9.09
C VAL A 128 39.41 -24.16 -9.62
N GLN A 129 40.59 -24.35 -9.04
CA GLN A 129 41.42 -25.52 -9.31
C GLN A 129 40.65 -26.84 -9.09
N GLY A 130 39.97 -26.94 -7.96
CA GLY A 130 39.14 -28.09 -7.61
C GLY A 130 38.12 -28.44 -8.69
N TYR A 131 37.30 -27.47 -9.05
CA TYR A 131 36.28 -27.66 -10.07
C TYR A 131 36.86 -27.93 -11.45
N LEU A 132 38.09 -27.47 -11.68
CA LEU A 132 38.74 -27.63 -12.98
C LEU A 132 39.17 -29.07 -13.30
N GLU A 133 39.69 -29.80 -12.31
CA GLU A 133 39.94 -31.26 -12.42
C GLU A 133 38.67 -32.04 -12.79
N GLN A 134 37.69 -32.01 -11.89
CA GLN A 134 36.37 -32.64 -12.06
C GLN A 134 35.73 -32.38 -13.44
N TRP A 135 35.85 -31.15 -13.94
CA TRP A 135 35.33 -30.82 -15.26
C TRP A 135 36.14 -31.43 -16.41
N GLY A 136 37.43 -31.66 -16.18
CA GLY A 136 38.30 -32.24 -17.20
C GLY A 136 38.03 -33.71 -17.46
N LYS A 137 37.79 -34.47 -16.38
CA LYS A 137 37.60 -35.92 -16.45
C LYS A 137 36.26 -36.32 -17.05
N ALA A 138 35.26 -35.43 -16.94
CA ALA A 138 33.98 -35.62 -17.60
C ALA A 138 34.11 -35.46 -19.11
N ASN A 139 33.54 -36.40 -19.85
CA ASN A 139 33.51 -36.35 -21.31
C ASN A 139 32.50 -35.33 -21.82
N GLU A 140 31.65 -34.85 -20.90
CA GLU A 140 30.75 -33.72 -21.14
C GLU A 140 30.51 -32.95 -19.83
N VAL A 141 30.41 -31.63 -19.93
CA VAL A 141 30.07 -30.78 -18.80
C VAL A 141 28.93 -29.84 -19.21
N ILE A 142 27.82 -29.93 -18.50
CA ILE A 142 26.72 -28.98 -18.64
C ILE A 142 27.09 -27.77 -17.76
N TRP A 143 27.55 -26.70 -18.40
CA TRP A 143 28.27 -25.63 -17.67
C TRP A 143 27.44 -24.70 -16.77
N TYR A 144 26.37 -24.10 -17.28
CA TYR A 144 25.67 -23.07 -16.51
C TYR A 144 25.40 -23.44 -15.03
N PRO A 145 24.65 -24.52 -14.74
CA PRO A 145 24.44 -25.01 -13.36
C PRO A 145 25.69 -25.35 -12.56
N GLN A 146 26.78 -25.69 -13.26
CA GLN A 146 28.07 -26.01 -12.63
C GLN A 146 28.90 -24.77 -12.25
N LEU A 147 28.67 -23.67 -12.95
CA LEU A 147 29.31 -22.40 -12.62
C LEU A 147 28.61 -21.84 -11.41
N ARG A 148 27.28 -21.98 -11.43
CA ARG A 148 26.39 -21.62 -10.32
C ARG A 148 26.89 -22.15 -8.97
N ARG A 149 27.21 -23.45 -8.94
CA ARG A 149 27.69 -24.12 -7.73
C ARG A 149 29.05 -23.59 -7.36
N MET A 150 29.93 -23.44 -8.35
CA MET A 150 31.31 -22.93 -8.15
C MET A 150 31.35 -21.49 -7.58
N THR A 151 30.57 -20.57 -8.16
CA THR A 151 30.43 -19.21 -7.63
C THR A 151 29.91 -19.22 -6.18
N PHE A 152 28.86 -20.00 -5.93
CA PHE A 152 28.26 -20.07 -4.60
C PHE A 152 29.29 -20.56 -3.60
N ASP A 153 30.08 -21.54 -4.01
CA ASP A 153 31.18 -22.06 -3.23
C ASP A 153 32.25 -21.00 -2.98
N VAL A 154 32.67 -20.25 -3.99
CA VAL A 154 33.66 -19.21 -3.71
C VAL A 154 33.08 -18.22 -2.69
N ALA A 155 31.86 -17.72 -2.99
CA ALA A 155 31.16 -16.74 -2.18
C ALA A 155 31.05 -17.18 -0.73
N ALA A 156 30.37 -18.31 -0.50
CA ALA A 156 30.12 -18.78 0.87
C ALA A 156 31.42 -19.11 1.66
N THR A 157 32.47 -19.53 0.94
CA THR A 157 33.80 -19.76 1.54
C THR A 157 34.49 -18.46 1.92
N LEU A 158 34.51 -17.50 0.99
CA LEU A 158 35.17 -16.23 1.26
C LEU A 158 34.43 -15.35 2.28
N PHE A 159 33.10 -15.45 2.32
CA PHE A 159 32.30 -14.68 3.25
C PHE A 159 32.18 -15.24 4.65
N MET A 160 32.18 -16.57 4.80
CA MET A 160 31.88 -17.22 6.09
C MET A 160 32.80 -18.38 6.52
N GLY A 161 33.78 -18.76 5.72
CA GLY A 161 34.67 -19.89 6.07
C GLY A 161 34.32 -21.23 5.44
N GLU A 162 35.34 -22.07 5.21
CA GLU A 162 35.21 -23.33 4.45
C GLU A 162 34.23 -24.37 5.02
N LYS A 163 34.13 -24.42 6.34
CA LYS A 163 33.22 -25.34 7.02
C LYS A 163 31.76 -24.99 6.73
N VAL A 164 31.48 -23.70 6.57
CA VAL A 164 30.12 -23.21 6.26
C VAL A 164 29.66 -23.61 4.85
N SER A 165 30.60 -23.62 3.91
CA SER A 165 30.34 -24.04 2.54
C SER A 165 30.23 -25.57 2.35
N GLN A 166 30.66 -26.35 3.35
CA GLN A 166 30.45 -27.80 3.33
C GLN A 166 29.25 -28.22 4.22
N ASN A 167 28.30 -27.28 4.35
CA ASN A 167 26.97 -27.53 4.86
C ASN A 167 26.08 -27.69 3.64
N PRO A 168 25.70 -28.95 3.32
CA PRO A 168 25.17 -29.29 1.98
C PRO A 168 23.69 -28.90 1.79
N GLN A 169 23.02 -28.53 2.86
CA GLN A 169 21.66 -28.00 2.78
C GLN A 169 21.61 -26.57 2.20
N LEU A 170 22.76 -25.89 2.13
CA LEU A 170 22.78 -24.44 1.85
C LEU A 170 22.48 -24.01 0.42
N PHE A 171 23.09 -24.68 -0.54
CA PHE A 171 22.84 -24.38 -1.95
C PHE A 171 21.41 -24.66 -2.42
N PRO A 172 20.86 -25.88 -2.11
CA PRO A 172 19.45 -26.13 -2.47
C PRO A 172 18.48 -25.09 -1.91
N TRP A 173 18.65 -24.70 -0.65
CA TRP A 173 17.80 -23.69 -0.04
C TRP A 173 17.98 -22.34 -0.74
N PHE A 174 19.24 -22.00 -1.00
CA PHE A 174 19.56 -20.73 -1.64
C PHE A 174 18.98 -20.64 -3.04
N GLU A 175 19.10 -21.71 -3.82
CA GLU A 175 18.44 -21.81 -5.13
C GLU A 175 16.92 -21.51 -5.08
N THR A 176 16.21 -22.20 -4.18
CA THR A 176 14.79 -21.99 -3.93
C THR A 176 14.48 -20.55 -3.46
N TYR A 177 15.35 -20.00 -2.61
CA TYR A 177 15.26 -18.59 -2.23
C TYR A 177 15.26 -17.62 -3.44
N ILE A 178 16.29 -17.71 -4.28
CA ILE A 178 16.40 -16.88 -5.49
C ILE A 178 15.26 -16.99 -6.52
N GLN A 179 14.85 -18.21 -6.85
CA GLN A 179 13.77 -18.45 -7.80
C GLN A 179 12.46 -17.64 -7.51
N GLY A 180 12.27 -17.19 -6.28
CA GLY A 180 11.04 -16.47 -5.95
C GLY A 180 11.22 -15.02 -5.53
N LEU A 181 12.42 -14.47 -5.75
CA LEU A 181 12.71 -13.10 -5.38
C LEU A 181 11.94 -12.05 -6.19
N PHE A 182 11.60 -12.37 -7.44
CA PHE A 182 10.82 -11.48 -8.33
C PHE A 182 9.53 -12.13 -8.80
N SER A 183 8.95 -12.96 -7.95
CA SER A 183 7.70 -13.68 -8.21
C SER A 183 6.52 -12.84 -7.69
N LEU A 184 5.30 -13.25 -8.02
CA LEU A 184 4.12 -12.60 -7.44
C LEU A 184 4.05 -12.91 -5.95
N PRO A 185 3.69 -11.90 -5.14
CA PRO A 185 3.70 -12.16 -3.71
C PRO A 185 2.41 -12.84 -3.32
N ILE A 186 2.22 -14.10 -3.73
CA ILE A 186 1.02 -14.83 -3.36
C ILE A 186 1.39 -15.74 -2.21
N PRO A 187 0.79 -15.51 -1.03
CA PRO A 187 1.24 -16.18 0.19
C PRO A 187 0.49 -17.49 0.49
N LEU A 188 0.51 -18.43 -0.46
CA LEU A 188 0.07 -19.82 -0.26
C LEU A 188 1.36 -20.68 -0.28
N PRO A 189 1.39 -21.81 0.46
CA PRO A 189 2.71 -22.47 0.54
C PRO A 189 3.30 -23.01 -0.77
N ASN A 190 2.43 -23.38 -1.72
CA ASN A 190 2.82 -23.96 -3.00
C ASN A 190 2.88 -22.95 -4.14
N THR A 191 3.66 -21.91 -3.92
CA THR A 191 3.92 -20.91 -4.92
C THR A 191 5.43 -20.68 -4.92
N LEU A 192 5.97 -20.06 -5.97
CA LEU A 192 7.37 -19.62 -5.95
C LEU A 192 7.72 -18.78 -4.72
N PHE A 193 6.81 -17.88 -4.36
CA PHE A 193 7.00 -16.95 -3.25
C PHE A 193 6.93 -17.63 -1.89
N GLY A 194 5.93 -18.50 -1.68
CA GLY A 194 5.82 -19.25 -0.43
C GLY A 194 7.03 -20.16 -0.26
N LYS A 195 7.47 -20.77 -1.35
CA LYS A 195 8.68 -21.59 -1.33
C LYS A 195 9.89 -20.73 -0.90
N SER A 196 10.16 -19.62 -1.59
CA SER A 196 11.20 -18.64 -1.19
C SER A 196 11.12 -18.25 0.24
N GLN A 197 9.91 -17.94 0.73
CA GLN A 197 9.71 -17.58 2.13
C GLN A 197 10.22 -18.62 3.10
N ARG A 198 9.93 -19.89 2.81
CA ARG A 198 10.37 -21.00 3.65
C ARG A 198 11.87 -21.30 3.48
N ALA A 199 12.38 -21.19 2.26
CA ALA A 199 13.84 -21.23 2.06
C ALA A 199 14.54 -20.09 2.81
N ARG A 200 13.97 -18.88 2.82
CA ARG A 200 14.51 -17.77 3.60
C ARG A 200 14.58 -18.08 5.09
N ALA A 201 13.51 -18.60 5.69
CA ALA A 201 13.51 -18.92 7.12
C ALA A 201 14.57 -19.97 7.47
N LEU A 202 14.73 -20.95 6.60
CA LEU A 202 15.75 -22.01 6.76
C LEU A 202 17.21 -21.49 6.69
N LEU A 203 17.50 -20.67 5.68
CA LEU A 203 18.77 -19.96 5.58
C LEU A 203 19.11 -19.03 6.76
N LEU A 204 18.09 -18.35 7.28
CA LEU A 204 18.22 -17.42 8.40
C LEU A 204 18.54 -18.15 9.69
N ALA A 205 17.83 -19.24 9.96
CA ALA A 205 18.14 -20.08 11.12
C ALA A 205 19.54 -20.72 11.00
N GLU A 206 19.96 -21.08 9.79
CA GLU A 206 21.35 -21.53 9.60
C GLU A 206 22.38 -20.41 9.74
N LEU A 207 22.07 -19.23 9.21
CA LEU A 207 22.99 -18.09 9.29
C LEU A 207 23.21 -17.67 10.73
N GLU A 208 22.19 -17.82 11.56
CA GLU A 208 22.34 -17.51 12.96
C GLU A 208 23.36 -18.41 13.66
N LYS A 209 23.20 -19.74 13.52
CA LYS A 209 24.13 -20.70 14.13
C LYS A 209 25.57 -20.35 13.77
N ILE A 210 25.78 -20.01 12.50
CA ILE A 210 27.09 -19.66 11.96
C ILE A 210 27.65 -18.42 12.64
N ILE A 211 26.77 -17.44 12.85
CA ILE A 211 27.16 -16.17 13.48
C ILE A 211 27.42 -16.34 14.99
N LYS A 212 26.50 -16.99 15.71
CA LYS A 212 26.63 -17.16 17.15
C LYS A 212 27.92 -17.94 17.51
N ALA A 213 28.29 -18.90 16.66
CA ALA A 213 29.52 -19.69 16.80
C ALA A 213 30.79 -18.89 16.55
N ARG A 214 30.72 -17.94 15.61
CA ARG A 214 31.83 -17.05 15.32
C ARG A 214 31.98 -15.95 16.40
N GLN A 215 30.86 -15.55 16.99
CA GLN A 215 30.85 -14.61 18.09
C GLN A 215 31.65 -15.16 19.29
N GLN A 216 31.68 -16.49 19.40
CA GLN A 216 32.34 -17.21 20.50
C GLN A 216 33.84 -17.46 20.29
N GLN A 217 34.46 -16.67 19.41
CA GLN A 217 35.86 -16.90 19.04
C GLN A 217 36.69 -15.62 19.08
N PRO A 218 38.03 -15.77 19.21
CA PRO A 218 38.95 -14.62 19.07
C PRO A 218 38.68 -13.81 17.78
N PRO A 219 38.17 -12.58 17.94
CA PRO A 219 37.73 -11.77 16.80
C PRO A 219 38.77 -11.61 15.71
N SER A 220 38.33 -11.78 14.47
CA SER A 220 39.18 -11.60 13.28
C SER A 220 38.41 -10.87 12.19
N GLU A 221 39.11 -10.11 11.36
CA GLU A 221 38.49 -9.36 10.27
C GLU A 221 39.06 -9.82 8.92
N GLU A 222 39.20 -11.12 8.77
CA GLU A 222 39.84 -11.72 7.60
C GLU A 222 38.89 -11.99 6.44
N ASP A 223 37.61 -12.11 6.76
CA ASP A 223 36.55 -12.30 5.75
C ASP A 223 35.36 -11.39 6.03
N ALA A 224 34.28 -11.56 5.26
CA ALA A 224 33.13 -10.65 5.34
C ALA A 224 32.32 -10.77 6.62
N LEU A 225 32.24 -11.97 7.18
CA LEU A 225 31.47 -12.18 8.40
C LEU A 225 32.13 -11.55 9.63
N GLY A 226 33.46 -11.58 9.65
CA GLY A 226 34.23 -10.98 10.73
C GLY A 226 34.22 -9.48 10.62
N ILE A 227 34.36 -9.00 9.39
CA ILE A 227 34.27 -7.58 9.10
C ILE A 227 32.94 -6.99 9.56
N LEU A 228 31.86 -7.75 9.33
CA LEU A 228 30.52 -7.36 9.74
C LEU A 228 30.35 -7.33 11.25
N LEU A 229 30.95 -8.30 11.94
CA LEU A 229 30.89 -8.37 13.40
C LEU A 229 31.61 -7.21 14.09
N ALA A 230 32.76 -6.81 13.55
CA ALA A 230 33.56 -5.72 14.09
C ALA A 230 33.03 -4.33 13.73
N ALA A 231 32.11 -4.28 12.77
CA ALA A 231 31.53 -3.01 12.30
C ALA A 231 30.63 -2.33 13.31
N ARG A 232 30.64 -0.99 13.26
CA ARG A 232 29.85 -0.13 14.13
C ARG A 232 29.03 0.83 13.28
N ASP A 233 27.77 1.02 13.66
CA ASP A 233 26.91 2.00 12.99
C ASP A 233 27.32 3.41 13.40
N ASP A 234 26.58 4.42 12.93
CA ASP A 234 26.98 5.82 13.13
C ASP A 234 26.84 6.26 14.58
N ASN A 235 26.01 5.55 15.35
CA ASN A 235 25.95 5.68 16.80
C ASN A 235 26.95 4.79 17.57
N ASN A 236 27.91 4.19 16.85
CA ASN A 236 28.91 3.31 17.46
C ASN A 236 28.31 2.05 18.09
N GLN A 237 27.28 1.50 17.44
CA GLN A 237 26.63 0.29 17.92
C GLN A 237 26.93 -0.85 16.95
N PRO A 238 27.03 -2.09 17.46
CA PRO A 238 27.18 -3.25 16.58
C PRO A 238 25.95 -3.39 15.72
N LEU A 239 26.13 -3.87 14.48
CA LEU A 239 24.98 -4.31 13.67
C LEU A 239 24.25 -5.37 14.46
N SER A 240 22.93 -5.28 14.46
CA SER A 240 22.09 -6.23 15.16
C SER A 240 22.11 -7.54 14.41
N LEU A 241 21.56 -8.58 15.04
CA LEU A 241 21.57 -9.91 14.48
C LEU A 241 20.72 -10.12 13.22
N PRO A 242 19.45 -9.64 13.21
CA PRO A 242 18.72 -9.66 11.94
C PRO A 242 19.47 -8.98 10.78
N GLU A 243 20.10 -7.83 11.04
CA GLU A 243 20.90 -7.13 10.03
C GLU A 243 22.10 -7.92 9.50
N LEU A 244 22.92 -8.47 10.39
CA LEU A 244 24.02 -9.34 9.97
C LEU A 244 23.52 -10.40 8.99
N LYS A 245 22.40 -11.01 9.33
CA LYS A 245 21.80 -12.07 8.52
C LYS A 245 21.34 -11.56 7.18
N ASP A 246 20.53 -10.49 7.15
CA ASP A 246 20.10 -9.90 5.87
C ASP A 246 21.30 -9.50 4.99
N GLN A 247 22.29 -8.89 5.62
CA GLN A 247 23.45 -8.40 4.89
C GLN A 247 24.25 -9.49 4.19
N ILE A 248 24.37 -10.64 4.86
CA ILE A 248 25.08 -11.78 4.28
C ILE A 248 24.25 -12.43 3.17
N LEU A 249 22.95 -12.57 3.38
CA LEU A 249 22.07 -13.01 2.31
C LEU A 249 22.10 -12.11 1.09
N LEU A 250 22.17 -10.80 1.32
CA LEU A 250 22.28 -9.83 0.23
C LEU A 250 23.54 -10.03 -0.62
N LEU A 251 24.68 -10.19 0.04
CA LEU A 251 25.96 -10.47 -0.63
C LEU A 251 25.86 -11.73 -1.48
N LEU A 252 25.21 -12.75 -0.93
CA LEU A 252 24.95 -14.00 -1.65
C LEU A 252 24.04 -13.81 -2.85
N PHE A 253 22.80 -13.36 -2.62
CA PHE A 253 21.91 -12.95 -3.72
C PHE A 253 22.64 -12.11 -4.78
N ALA A 254 23.19 -10.96 -4.39
CA ALA A 254 23.79 -10.01 -5.36
C ALA A 254 24.96 -10.54 -6.25
N GLY A 255 25.72 -11.51 -5.78
CA GLY A 255 26.77 -12.08 -6.61
C GLY A 255 26.37 -13.29 -7.45
N HIS A 256 25.27 -13.94 -7.11
CA HIS A 256 24.96 -15.26 -7.65
C HIS A 256 24.70 -15.35 -9.15
N GLU A 257 23.50 -14.99 -9.58
CA GLU A 257 23.12 -15.05 -10.98
C GLU A 257 24.05 -14.19 -11.85
N THR A 258 24.33 -12.98 -11.39
CA THR A 258 25.21 -12.02 -12.07
C THR A 258 26.53 -12.67 -12.44
N LEU A 259 27.31 -13.07 -11.44
CA LEU A 259 28.64 -13.63 -11.72
C LEU A 259 28.60 -14.95 -12.50
N THR A 260 27.58 -15.77 -12.23
CA THR A 260 27.41 -17.04 -12.96
C THR A 260 27.20 -16.72 -14.44
N SER A 261 26.33 -15.76 -14.71
CA SER A 261 26.06 -15.28 -16.06
C SER A 261 27.33 -14.80 -16.77
N ALA A 262 28.09 -13.93 -16.09
CA ALA A 262 29.36 -13.40 -16.58
C ALA A 262 30.35 -14.49 -16.95
N LEU A 263 30.53 -15.48 -16.06
CA LEU A 263 31.43 -16.61 -16.35
C LEU A 263 30.89 -17.46 -17.51
N SER A 264 29.58 -17.75 -17.49
CA SER A 264 28.99 -18.53 -18.59
C SER A 264 29.33 -17.82 -19.89
N SER A 265 29.00 -16.53 -19.99
CA SER A 265 29.26 -15.72 -21.19
C SER A 265 30.71 -15.75 -21.70
N PHE A 266 31.68 -15.59 -20.80
CA PHE A 266 33.08 -15.79 -21.14
C PHE A 266 33.39 -17.17 -21.71
N CYS A 267 32.88 -18.20 -21.04
CA CYS A 267 33.06 -19.61 -21.41
C CYS A 267 32.44 -19.87 -22.78
N LEU A 268 31.34 -19.19 -23.02
CA LEU A 268 30.62 -19.21 -24.26
C LEU A 268 31.45 -18.56 -25.36
N LEU A 269 31.87 -17.31 -25.13
CA LEU A 269 32.42 -16.45 -26.19
C LEU A 269 33.81 -16.83 -26.62
N LEU A 270 34.60 -17.35 -25.69
CA LEU A 270 35.97 -17.82 -26.01
C LEU A 270 35.97 -19.29 -26.42
N GLY A 271 34.84 -19.95 -26.20
CA GLY A 271 34.57 -21.24 -26.81
C GLY A 271 34.45 -21.01 -28.29
N GLN A 272 33.45 -20.22 -28.69
CA GLN A 272 33.22 -19.89 -30.10
C GLN A 272 34.22 -18.89 -30.75
N HIS A 273 35.34 -18.59 -30.07
CA HIS A 273 36.37 -17.66 -30.58
C HIS A 273 37.77 -18.08 -30.16
N SER A 274 38.29 -19.14 -30.77
CA SER A 274 39.57 -19.74 -30.34
C SER A 274 40.80 -18.85 -30.60
N ASP A 275 40.66 -17.89 -31.50
CA ASP A 275 41.72 -16.89 -31.77
C ASP A 275 41.98 -16.01 -30.53
N ILE A 276 40.90 -15.46 -29.96
CA ILE A 276 40.96 -14.61 -28.77
C ILE A 276 41.49 -15.38 -27.55
N ARG A 277 41.12 -16.66 -27.45
CA ARG A 277 41.58 -17.54 -26.38
C ARG A 277 43.08 -17.82 -26.46
N GLU A 278 43.57 -18.03 -27.68
CA GLU A 278 45.01 -18.16 -27.95
C GLU A 278 45.75 -16.84 -27.75
N ARG A 279 45.10 -15.72 -28.09
CA ARG A 279 45.65 -14.38 -27.79
C ARG A 279 45.78 -14.19 -26.26
N VAL A 280 44.80 -14.71 -25.50
CA VAL A 280 44.84 -14.67 -24.04
C VAL A 280 45.87 -15.67 -23.51
N ARG A 281 46.03 -16.79 -24.21
CA ARG A 281 47.04 -17.80 -23.83
C ARG A 281 48.43 -17.28 -24.12
N GLN A 282 48.63 -16.69 -25.31
CA GLN A 282 49.91 -16.08 -25.67
C GLN A 282 50.37 -15.11 -24.58
N GLU A 283 49.46 -14.23 -24.16
CA GLU A 283 49.71 -13.21 -23.13
C GLU A 283 50.30 -13.81 -21.86
N GLN A 284 49.76 -14.95 -21.43
CA GLN A 284 50.24 -15.61 -20.20
C GLN A 284 51.52 -16.45 -20.36
N ASN A 285 51.90 -16.72 -21.61
CA ASN A 285 53.18 -17.39 -21.91
C ASN A 285 54.36 -16.44 -21.87
N LYS A 286 54.13 -15.18 -22.27
CA LYS A 286 55.14 -14.11 -22.21
C LYS A 286 55.55 -13.77 -20.77
N LEU A 287 54.76 -14.22 -19.80
CA LEU A 287 55.11 -14.12 -18.39
C LEU A 287 55.84 -15.41 -18.01
N GLN A 288 56.16 -15.59 -16.74
CA GLN A 288 56.76 -16.86 -16.30
C GLN A 288 55.65 -17.80 -15.79
N LEU A 289 55.09 -18.59 -16.70
CA LEU A 289 53.93 -19.44 -16.43
C LEU A 289 54.23 -20.61 -15.48
N SER A 290 54.42 -20.30 -14.20
CA SER A 290 54.55 -21.33 -13.16
C SER A 290 53.19 -21.64 -12.52
N GLN A 291 53.17 -22.65 -11.66
CA GLN A 291 51.94 -23.04 -10.95
C GLN A 291 51.38 -21.88 -10.15
N GLU A 292 52.28 -21.18 -9.44
CA GLU A 292 51.91 -20.05 -8.57
C GLU A 292 51.34 -18.88 -9.37
N LEU A 293 50.30 -18.27 -8.82
CA LEU A 293 49.63 -17.15 -9.46
C LEU A 293 49.39 -16.01 -8.46
N THR A 294 50.18 -14.95 -8.61
CA THR A 294 50.11 -13.78 -7.71
C THR A 294 49.03 -12.79 -8.15
N ALA A 295 48.53 -12.03 -7.18
CA ALA A 295 47.63 -10.90 -7.43
C ALA A 295 48.29 -9.87 -8.35
N GLU A 296 49.63 -9.87 -8.35
CA GLU A 296 50.45 -8.98 -9.15
C GLU A 296 50.60 -9.45 -10.60
N THR A 297 50.86 -10.74 -10.79
CA THR A 297 50.85 -11.34 -12.13
C THR A 297 49.51 -11.13 -12.87
N LEU A 298 48.42 -11.08 -12.09
CA LEU A 298 47.06 -10.86 -12.64
C LEU A 298 46.89 -9.42 -13.13
N LYS A 299 47.54 -8.51 -12.44
CA LYS A 299 47.58 -7.11 -12.85
C LYS A 299 48.49 -6.86 -14.08
N LYS A 300 49.11 -7.92 -14.62
CA LYS A 300 49.94 -7.85 -15.83
C LYS A 300 49.23 -8.46 -17.02
N MET A 301 47.91 -8.27 -17.06
CA MET A 301 47.05 -8.93 -18.06
C MET A 301 46.08 -7.98 -18.75
N PRO A 302 46.59 -6.91 -19.40
CA PRO A 302 45.73 -5.91 -19.99
C PRO A 302 44.87 -6.42 -21.14
N TYR A 303 45.34 -7.44 -21.86
CA TYR A 303 44.54 -7.98 -22.97
C TYR A 303 43.34 -8.82 -22.47
N LEU A 304 43.54 -9.65 -21.45
CA LEU A 304 42.43 -10.33 -20.80
C LEU A 304 41.44 -9.35 -20.19
N ASP A 305 41.94 -8.19 -19.75
CA ASP A 305 41.08 -7.14 -19.17
C ASP A 305 40.13 -6.64 -20.22
N GLN A 306 40.65 -6.40 -21.42
CA GLN A 306 39.83 -6.04 -22.60
C GLN A 306 38.74 -7.07 -22.93
N VAL A 307 39.09 -8.35 -22.81
CA VAL A 307 38.20 -9.45 -23.14
C VAL A 307 37.03 -9.42 -22.17
N LEU A 308 37.33 -9.22 -20.90
CA LEU A 308 36.31 -9.18 -19.84
C LEU A 308 35.45 -7.93 -19.93
N GLN A 309 36.06 -6.81 -20.31
CA GLN A 309 35.29 -5.61 -20.69
C GLN A 309 34.26 -5.91 -21.76
N GLU A 310 34.68 -6.65 -22.80
CA GLU A 310 33.87 -6.94 -23.98
C GLU A 310 32.78 -7.99 -23.71
N VAL A 311 33.18 -9.10 -23.07
CA VAL A 311 32.22 -10.05 -22.53
C VAL A 311 31.03 -9.34 -21.83
N LEU A 312 31.33 -8.43 -20.90
CA LEU A 312 30.33 -7.71 -20.10
C LEU A 312 29.50 -6.65 -20.85
N ARG A 313 29.99 -6.19 -21.99
CA ARG A 313 29.24 -5.25 -22.78
C ARG A 313 28.35 -5.97 -23.77
N LEU A 314 28.83 -7.10 -24.30
CA LEU A 314 28.04 -7.84 -25.30
C LEU A 314 26.91 -8.60 -24.59
N ILE A 315 27.26 -9.32 -23.51
CA ILE A 315 26.26 -10.03 -22.71
C ILE A 315 26.23 -9.47 -21.26
N PRO A 316 25.56 -8.32 -21.06
CA PRO A 316 25.46 -7.80 -19.71
C PRO A 316 24.55 -8.63 -18.78
N PRO A 317 25.10 -9.11 -17.63
CA PRO A 317 24.43 -9.92 -16.61
C PRO A 317 23.26 -9.22 -15.92
N VAL A 318 23.37 -7.92 -15.68
CA VAL A 318 22.26 -7.12 -15.16
C VAL A 318 21.70 -6.28 -16.30
N GLY A 319 20.44 -6.52 -16.63
CA GLY A 319 19.81 -5.90 -17.81
C GLY A 319 19.65 -4.41 -17.64
N GLY A 320 19.39 -3.97 -16.41
CA GLY A 320 19.03 -2.59 -16.12
C GLY A 320 18.66 -2.37 -14.67
N GLY A 321 17.80 -1.40 -14.41
CA GLY A 321 17.49 -1.03 -13.04
C GLY A 321 16.40 0.00 -12.96
N PHE A 322 15.96 0.28 -11.74
CA PHE A 322 14.87 1.18 -11.48
C PHE A 322 15.25 2.13 -10.37
N ARG A 323 14.63 3.31 -10.40
CA ARG A 323 14.77 4.30 -9.35
C ARG A 323 13.42 4.97 -9.22
N GLU A 324 13.17 5.61 -8.08
CA GLU A 324 11.98 6.43 -7.86
C GLU A 324 12.37 7.88 -7.64
N LEU A 325 11.75 8.78 -8.39
CA LEU A 325 11.90 10.24 -8.19
C LEU A 325 11.36 10.72 -6.86
N ILE A 326 12.23 11.33 -6.06
CA ILE A 326 11.82 12.03 -4.83
C ILE A 326 11.78 13.56 -5.03
N GLN A 327 12.15 14.00 -6.24
CA GLN A 327 12.00 15.38 -6.62
C GLN A 327 11.38 15.44 -7.99
N ASP A 328 10.54 16.45 -8.19
CA ASP A 328 10.07 16.78 -9.53
C ASP A 328 11.33 17.26 -10.23
N CYS A 329 11.55 16.80 -11.46
CA CYS A 329 12.76 17.15 -12.20
C CYS A 329 12.53 16.95 -13.69
N GLN A 330 13.55 17.24 -14.51
CA GLN A 330 13.41 17.33 -15.96
C GLN A 330 14.65 16.83 -16.69
N PHE A 331 14.43 16.11 -17.79
CA PHE A 331 15.52 15.57 -18.59
C PHE A 331 15.09 15.45 -20.04
N GLN A 332 16.01 15.86 -20.93
CA GLN A 332 15.76 16.04 -22.36
C GLN A 332 14.47 16.80 -22.67
N GLY A 333 14.29 17.90 -21.93
CA GLY A 333 13.10 18.75 -22.04
C GLY A 333 11.81 18.16 -21.50
N PHE A 334 11.69 16.82 -21.61
CA PHE A 334 10.62 16.00 -21.00
C PHE A 334 10.52 16.20 -19.49
N HIS A 335 9.31 16.03 -18.97
CA HIS A 335 9.06 16.18 -17.54
C HIS A 335 9.10 14.82 -16.83
N PHE A 336 9.81 14.76 -15.69
CA PHE A 336 9.94 13.56 -14.86
C PHE A 336 9.35 13.84 -13.46
N PRO A 337 8.04 13.61 -13.26
CA PRO A 337 7.34 14.04 -12.04
C PRO A 337 7.59 13.19 -10.80
N LYS A 338 7.72 13.84 -9.65
CA LYS A 338 7.85 13.24 -8.32
C LYS A 338 7.07 11.93 -8.22
N GLY A 339 7.65 10.93 -7.54
CA GLY A 339 6.92 9.67 -7.26
C GLY A 339 6.52 8.80 -8.44
N TRP A 340 6.97 9.16 -9.64
CA TRP A 340 6.95 8.23 -10.76
C TRP A 340 8.25 7.46 -10.62
N LEU A 341 8.48 6.50 -11.52
CA LEU A 341 9.71 5.69 -11.50
C LEU A 341 10.53 5.83 -12.78
N VAL A 342 11.84 5.63 -12.68
CA VAL A 342 12.70 5.66 -13.86
C VAL A 342 13.45 4.33 -14.01
N SER A 343 13.38 3.78 -15.22
CA SER A 343 14.06 2.54 -15.54
C SER A 343 15.13 2.78 -16.59
N TYR A 344 16.37 2.48 -16.22
CA TYR A 344 17.47 2.54 -17.16
C TYR A 344 17.86 1.16 -17.64
N GLN A 345 18.54 1.15 -18.78
CA GLN A 345 18.55 0.00 -19.63
C GLN A 345 19.96 -0.32 -20.07
N ILE A 346 20.68 -1.02 -19.21
CA ILE A 346 22.08 -1.36 -19.46
C ILE A 346 22.23 -2.09 -20.79
N SER A 347 21.41 -3.09 -21.05
CA SER A 347 21.54 -3.91 -22.25
C SER A 347 21.26 -3.14 -23.53
N GLN A 348 20.37 -2.14 -23.45
CA GLN A 348 20.08 -1.22 -24.54
C GLN A 348 21.30 -0.34 -24.83
N THR A 349 21.77 0.39 -23.81
CA THR A 349 23.00 1.17 -23.91
C THR A 349 24.13 0.38 -24.58
N HIS A 350 24.24 -0.91 -24.23
CA HIS A 350 25.34 -1.77 -24.66
C HIS A 350 25.09 -2.38 -26.04
N ALA A 351 23.96 -2.02 -26.65
CA ALA A 351 23.57 -2.53 -27.97
C ALA A 351 23.42 -1.38 -28.96
N ASP A 352 23.49 -0.16 -28.42
CA ASP A 352 23.45 1.08 -29.20
C ASP A 352 24.60 1.07 -30.21
N PRO A 353 24.30 1.36 -31.51
CA PRO A 353 25.27 1.23 -32.62
C PRO A 353 26.31 2.35 -32.69
N ASP A 354 25.92 3.57 -32.32
CA ASP A 354 26.83 4.70 -32.18
C ASP A 354 27.94 4.40 -31.17
N LEU A 355 27.55 3.96 -29.98
CA LEU A 355 28.48 3.62 -28.91
C LEU A 355 29.31 2.37 -29.24
N TYR A 356 28.72 1.46 -30.01
CA TYR A 356 29.36 0.20 -30.42
C TYR A 356 29.03 -0.19 -31.89
N PRO A 357 29.93 0.12 -32.86
CA PRO A 357 29.71 -0.23 -34.27
C PRO A 357 29.85 -1.74 -34.53
N ASP A 358 28.92 -2.28 -35.33
CA ASP A 358 28.68 -3.73 -35.43
C ASP A 358 28.31 -4.22 -34.03
N PRO A 359 27.25 -3.66 -33.41
CA PRO A 359 27.02 -3.85 -31.96
C PRO A 359 26.67 -5.28 -31.51
N GLU A 360 26.74 -6.25 -32.42
CA GLU A 360 26.46 -7.66 -32.08
C GLU A 360 27.65 -8.62 -32.26
N LYS A 361 28.82 -8.06 -32.62
CA LYS A 361 30.04 -8.86 -32.75
C LYS A 361 30.90 -8.73 -31.51
N PHE A 362 31.63 -9.80 -31.20
CA PHE A 362 32.51 -9.85 -30.06
C PHE A 362 33.95 -9.44 -30.41
N ASP A 363 34.30 -8.20 -30.06
CA ASP A 363 35.59 -7.61 -30.41
C ASP A 363 36.27 -6.89 -29.22
N PRO A 364 37.18 -7.59 -28.51
CA PRO A 364 38.04 -7.03 -27.46
C PRO A 364 38.90 -5.81 -27.86
N GLU A 365 39.14 -5.60 -29.16
CA GLU A 365 39.84 -4.38 -29.64
C GLU A 365 39.10 -3.07 -29.37
N ARG A 366 37.80 -3.12 -29.12
CA ARG A 366 37.02 -1.90 -28.84
C ARG A 366 37.57 -1.16 -27.63
N PHE A 367 38.32 -1.88 -26.79
CA PHE A 367 38.84 -1.39 -25.51
C PHE A 367 40.39 -1.20 -25.46
N THR A 368 41.09 -1.49 -26.56
CA THR A 368 42.52 -1.14 -26.74
C THR A 368 42.66 0.38 -26.65
N PRO A 369 43.73 0.89 -26.00
CA PRO A 369 44.03 2.32 -25.79
C PRO A 369 43.43 3.36 -26.74
N ASP A 370 43.16 2.99 -28.00
CA ASP A 370 42.47 3.88 -28.94
C ASP A 370 41.24 3.27 -29.64
N GLY A 371 40.54 2.38 -28.93
CA GLY A 371 39.45 1.64 -29.51
C GLY A 371 38.16 2.43 -29.65
N SER A 372 37.17 1.79 -30.27
CA SER A 372 35.83 2.33 -30.44
C SER A 372 35.26 2.86 -29.13
N ALA A 373 35.45 2.10 -28.05
CA ALA A 373 34.83 2.36 -26.75
C ALA A 373 35.66 3.28 -25.87
N THR A 374 36.91 3.49 -26.25
CA THR A 374 37.80 4.43 -25.57
C THR A 374 37.38 5.87 -25.90
N HIS A 375 36.84 6.08 -27.11
CA HIS A 375 36.47 7.43 -27.56
C HIS A 375 34.96 7.70 -27.40
N ASN A 376 34.40 7.24 -26.28
CA ASN A 376 32.98 7.36 -25.96
C ASN A 376 32.77 8.27 -24.76
N PRO A 377 31.58 8.90 -24.67
CA PRO A 377 31.32 9.81 -23.55
C PRO A 377 31.05 9.01 -22.26
N PRO A 378 31.19 9.66 -21.07
CA PRO A 378 30.89 9.00 -19.80
C PRO A 378 29.60 8.17 -19.84
N PHE A 379 29.63 7.03 -19.13
CA PHE A 379 28.47 6.15 -18.90
C PHE A 379 27.96 5.42 -20.13
N ALA A 380 28.90 5.02 -20.99
CA ALA A 380 28.61 4.26 -22.20
C ALA A 380 28.80 2.77 -21.99
N HIS A 381 29.62 2.43 -21.00
CA HIS A 381 29.87 1.05 -20.62
C HIS A 381 29.52 1.05 -19.16
N VAL A 382 28.39 0.40 -18.84
CA VAL A 382 27.80 0.44 -17.51
C VAL A 382 27.39 -0.95 -16.97
N PRO A 383 28.25 -1.98 -17.14
CA PRO A 383 27.80 -3.29 -16.70
C PRO A 383 27.56 -3.38 -15.18
N PHE A 384 28.07 -2.41 -14.42
CA PHE A 384 27.97 -2.40 -12.95
C PHE A 384 27.11 -1.22 -12.45
N GLY A 385 26.38 -0.60 -13.39
CA GLY A 385 25.58 0.60 -13.07
C GLY A 385 26.53 1.75 -12.86
N GLY A 386 26.12 2.65 -11.97
CA GLY A 386 26.92 3.81 -11.62
C GLY A 386 26.35 4.54 -10.41
N GLY A 387 27.07 5.57 -9.97
CA GLY A 387 26.62 6.40 -8.87
C GLY A 387 26.59 5.72 -7.52
N LEU A 388 25.57 6.07 -6.72
CA LEU A 388 25.46 5.67 -5.32
C LEU A 388 25.20 4.17 -5.08
N ARG A 389 24.64 3.50 -6.09
CA ARG A 389 24.30 2.08 -6.02
C ARG A 389 25.14 1.25 -6.98
N GLU A 390 26.27 1.77 -7.44
CA GLU A 390 27.09 1.05 -8.39
C GLU A 390 27.55 -0.24 -7.72
N CYS A 391 27.76 -1.29 -8.51
CA CYS A 391 28.06 -2.58 -7.93
C CYS A 391 29.07 -2.45 -6.79
N LEU A 392 28.71 -2.91 -5.61
CA LEU A 392 29.63 -2.93 -4.51
C LEU A 392 30.66 -4.06 -4.67
N GLY A 393 30.33 -5.05 -5.52
CA GLY A 393 31.17 -6.22 -5.70
C GLY A 393 31.89 -6.32 -7.03
N LYS A 394 31.96 -5.21 -7.78
CA LYS A 394 32.58 -5.23 -9.12
C LYS A 394 34.04 -5.63 -9.17
N GLU A 395 34.84 -5.21 -8.18
CA GLU A 395 36.25 -5.58 -8.16
C GLU A 395 36.47 -7.04 -7.71
N PHE A 396 35.67 -7.52 -6.76
CA PHE A 396 35.55 -8.96 -6.45
C PHE A 396 35.14 -9.77 -7.68
N ALA A 397 34.10 -9.30 -8.38
CA ALA A 397 33.58 -9.91 -9.61
C ALA A 397 34.64 -9.94 -10.68
N ARG A 398 35.39 -8.85 -10.83
CA ARG A 398 36.46 -8.76 -11.81
C ARG A 398 37.61 -9.69 -11.48
N LEU A 399 37.86 -9.91 -10.20
CA LEU A 399 38.94 -10.77 -9.72
C LEU A 399 38.61 -12.24 -10.00
N GLU A 400 37.44 -12.70 -9.58
CA GLU A 400 37.00 -14.06 -9.92
C GLU A 400 36.88 -14.29 -11.44
N MET A 401 36.30 -13.36 -12.19
CA MET A 401 36.24 -13.56 -13.62
C MET A 401 37.64 -13.80 -14.21
N LYS A 402 38.63 -13.16 -13.61
CA LYS A 402 39.94 -13.05 -14.20
C LYS A 402 40.77 -14.25 -13.79
N LEU A 403 40.69 -14.61 -12.51
CA LEU A 403 41.37 -15.78 -11.97
C LEU A 403 40.84 -17.07 -12.59
N PHE A 404 39.53 -17.14 -12.78
CA PHE A 404 38.90 -18.24 -13.50
C PHE A 404 39.36 -18.32 -14.95
N ALA A 405 39.21 -17.20 -15.67
CA ALA A 405 39.60 -17.11 -17.09
C ALA A 405 41.04 -17.56 -17.29
N THR A 406 41.88 -17.25 -16.30
CA THR A 406 43.29 -17.57 -16.37
C THR A 406 43.50 -19.07 -16.18
N ARG A 407 42.97 -19.63 -15.10
CA ARG A 407 43.15 -21.03 -14.76
C ARG A 407 42.51 -21.98 -15.78
N LEU A 408 41.41 -21.53 -16.38
CA LEU A 408 40.76 -22.27 -17.45
C LEU A 408 41.71 -22.34 -18.63
N ILE A 409 42.00 -21.18 -19.24
CA ILE A 409 42.80 -21.07 -20.47
C ILE A 409 44.23 -21.67 -20.34
N GLN A 410 44.83 -21.49 -19.16
CA GLN A 410 46.11 -22.09 -18.81
C GLN A 410 46.15 -23.62 -19.02
N GLN A 411 45.05 -24.29 -18.68
CA GLN A 411 45.02 -25.75 -18.66
C GLN A 411 44.04 -26.37 -19.66
N PHE A 412 43.26 -25.57 -20.36
CA PHE A 412 42.21 -26.15 -21.20
C PHE A 412 41.87 -25.36 -22.45
N ASP A 413 41.88 -26.07 -23.57
CA ASP A 413 40.99 -25.71 -24.66
C ASP A 413 39.65 -26.35 -24.36
N TRP A 414 38.62 -25.94 -25.08
CA TRP A 414 37.30 -26.50 -24.88
C TRP A 414 36.44 -26.28 -26.09
N THR A 415 35.52 -27.22 -26.29
CA THR A 415 34.67 -27.23 -27.45
C THR A 415 33.26 -27.21 -26.91
N LEU A 416 32.44 -26.30 -27.44
CA LEU A 416 31.02 -26.39 -27.25
C LEU A 416 30.56 -27.66 -27.98
N LEU A 417 29.27 -27.98 -27.92
CA LEU A 417 28.73 -29.10 -28.71
C LEU A 417 27.81 -28.61 -29.83
N PRO A 418 27.82 -29.30 -31.00
CA PRO A 418 26.94 -28.86 -32.09
C PRO A 418 25.48 -29.24 -31.80
N GLY A 419 24.56 -28.41 -32.31
CA GLY A 419 23.12 -28.66 -32.17
C GLY A 419 22.44 -27.90 -31.03
N GLN A 420 23.15 -27.69 -29.92
CA GLN A 420 22.60 -27.04 -28.71
C GLN A 420 22.13 -25.59 -28.91
N ASN A 421 20.96 -25.27 -28.38
CA ASN A 421 20.44 -23.90 -28.44
C ASN A 421 21.18 -22.99 -27.43
N LEU A 422 22.14 -22.22 -27.95
CA LEU A 422 22.98 -21.33 -27.15
C LEU A 422 22.50 -19.87 -27.23
N GLU A 423 21.30 -19.69 -27.77
CA GLU A 423 20.58 -18.43 -27.65
C GLU A 423 20.36 -18.16 -26.17
N LEU A 424 20.17 -16.88 -25.83
CA LEU A 424 20.18 -16.47 -24.44
C LEU A 424 18.79 -16.11 -23.93
N VAL A 425 18.47 -16.63 -22.74
CA VAL A 425 17.30 -16.19 -21.99
C VAL A 425 17.76 -15.01 -21.15
N VAL A 426 17.01 -13.92 -21.23
CA VAL A 426 17.39 -12.63 -20.64
C VAL A 426 17.03 -12.49 -19.16
N THR A 427 16.06 -13.29 -18.68
CA THR A 427 15.57 -13.19 -17.30
C THR A 427 15.82 -14.48 -16.49
N PRO A 428 16.39 -14.34 -15.27
CA PRO A 428 16.80 -13.08 -14.66
C PRO A 428 18.14 -12.57 -15.20
N SER A 429 19.09 -13.48 -15.47
CA SER A 429 20.36 -13.16 -16.13
C SER A 429 20.58 -13.99 -17.41
N PRO A 430 21.17 -13.37 -18.46
CA PRO A 430 21.45 -14.05 -19.72
C PRO A 430 22.19 -15.38 -19.58
N ARG A 431 21.67 -16.39 -20.26
CA ARG A 431 22.06 -17.78 -20.08
C ARG A 431 21.65 -18.56 -21.34
N PRO A 432 22.59 -19.28 -21.96
CA PRO A 432 22.21 -20.13 -23.09
C PRO A 432 21.08 -21.10 -22.73
N LYS A 433 20.08 -21.22 -23.61
CA LYS A 433 18.91 -22.10 -23.36
C LYS A 433 19.26 -23.55 -23.07
N ASP A 434 20.21 -24.12 -23.81
CA ASP A 434 20.70 -25.48 -23.51
C ASP A 434 21.74 -25.46 -22.39
N ASN A 435 21.85 -24.31 -21.72
CA ASN A 435 22.84 -24.01 -20.67
C ASN A 435 24.26 -24.55 -20.85
N LEU A 436 24.75 -24.41 -22.08
CA LEU A 436 26.17 -24.51 -22.40
C LEU A 436 26.72 -25.87 -22.03
N ARG A 437 26.73 -26.78 -22.99
CA ARG A 437 27.34 -28.09 -22.83
C ARG A 437 28.63 -28.17 -23.66
N VAL A 438 29.61 -28.94 -23.17
CA VAL A 438 31.02 -28.64 -23.42
C VAL A 438 31.95 -29.85 -23.19
N LYS A 439 33.12 -29.86 -23.84
CA LYS A 439 34.19 -30.82 -23.53
C LYS A 439 35.55 -30.12 -23.41
N LEU A 440 36.35 -30.54 -22.43
CA LEU A 440 37.59 -29.84 -22.05
C LEU A 440 38.86 -30.59 -22.43
N HIS A 441 39.81 -29.89 -23.07
CA HIS A 441 40.97 -30.52 -23.70
C HIS A 441 42.29 -29.94 -23.22
N LEU B 11 0.52 -7.49 27.89
CA LEU B 11 1.40 -8.64 27.48
C LEU B 11 0.78 -9.62 26.43
N PRO B 12 -0.39 -10.26 26.72
CA PRO B 12 -0.98 -11.24 25.77
C PRO B 12 -1.97 -10.67 24.72
N ILE B 13 -1.89 -11.16 23.48
CA ILE B 13 -2.84 -10.70 22.45
C ILE B 13 -4.16 -11.45 22.50
N PRO B 14 -5.27 -10.75 22.16
CA PRO B 14 -6.61 -11.36 22.18
C PRO B 14 -6.73 -12.66 21.40
N PRO B 15 -7.68 -13.54 21.79
CA PRO B 15 -7.91 -14.80 21.08
C PRO B 15 -8.55 -14.54 19.71
N GLY B 16 -8.51 -15.54 18.81
CA GLY B 16 -9.05 -15.38 17.47
C GLY B 16 -8.10 -15.74 16.34
N ASP B 17 -8.66 -16.07 15.18
CA ASP B 17 -7.90 -16.53 14.03
C ASP B 17 -7.57 -15.41 13.01
N PHE B 18 -6.27 -15.17 12.81
CA PHE B 18 -5.79 -14.25 11.79
C PHE B 18 -6.21 -14.67 10.37
N GLY B 19 -6.27 -15.98 10.11
CA GLY B 19 -6.50 -16.51 8.76
C GLY B 19 -5.29 -16.31 7.85
N LEU B 20 -5.52 -16.35 6.53
CA LEU B 20 -4.46 -16.16 5.54
C LEU B 20 -3.59 -14.93 5.80
N PRO B 21 -2.29 -14.97 5.43
CA PRO B 21 -1.50 -13.74 5.46
C PRO B 21 -2.06 -12.69 4.51
N TRP B 22 -1.95 -11.42 4.90
CA TRP B 22 -2.66 -10.32 4.25
C TRP B 22 -4.21 -10.40 4.30
N LEU B 23 -4.78 -11.37 3.58
CA LEU B 23 -6.23 -11.42 3.37
C LEU B 23 -7.05 -11.68 4.64
N GLY B 24 -6.48 -12.42 5.58
CA GLY B 24 -7.14 -12.71 6.84
C GLY B 24 -8.51 -13.33 6.65
N GLU B 25 -9.49 -12.79 7.36
CA GLU B 25 -10.87 -13.26 7.24
C GLU B 25 -11.77 -12.30 6.45
N THR B 26 -11.13 -11.39 5.71
CA THR B 26 -11.78 -10.37 4.88
C THR B 26 -13.03 -10.85 4.16
N LEU B 27 -12.96 -12.01 3.52
CA LEU B 27 -14.10 -12.52 2.73
C LEU B 27 -15.31 -12.92 3.57
N ASN B 28 -15.08 -13.26 4.84
CA ASN B 28 -16.18 -13.59 5.77
C ASN B 28 -16.83 -12.34 6.30
N PHE B 29 -16.01 -11.33 6.53
CA PHE B 29 -16.42 -10.01 6.96
C PHE B 29 -17.33 -9.42 5.89
N LEU B 30 -16.88 -9.49 4.63
CA LEU B 30 -17.60 -9.04 3.45
C LEU B 30 -18.90 -9.81 3.20
N ASN B 31 -18.88 -11.13 3.40
CA ASN B 31 -19.98 -12.01 3.02
C ASN B 31 -20.96 -12.39 4.15
N ASP B 32 -20.44 -12.60 5.35
CA ASP B 32 -21.22 -13.24 6.42
C ASP B 32 -21.80 -12.23 7.42
N GLY B 33 -23.12 -12.30 7.59
CA GLY B 33 -23.89 -11.33 8.38
C GLY B 33 -23.54 -11.34 9.86
N ASP B 34 -23.61 -12.52 10.46
CA ASP B 34 -23.20 -12.69 11.86
C ASP B 34 -21.78 -13.22 11.85
N PHE B 35 -20.85 -12.29 11.60
CA PHE B 35 -19.41 -12.53 11.54
C PHE B 35 -18.84 -12.35 12.93
N GLY B 36 -19.36 -11.32 13.62
CA GLY B 36 -19.00 -11.02 15.01
C GLY B 36 -19.68 -11.94 16.00
N LYS B 37 -20.91 -12.36 15.70
CA LYS B 37 -21.67 -13.23 16.60
C LYS B 37 -21.33 -14.72 16.48
N LYS B 38 -20.56 -15.07 15.45
CA LYS B 38 -20.02 -16.42 15.36
C LYS B 38 -18.64 -16.47 15.98
N ARG B 39 -17.93 -15.35 15.98
CA ARG B 39 -16.61 -15.24 16.60
C ARG B 39 -16.68 -14.84 18.07
N GLN B 40 -17.89 -14.93 18.62
CA GLN B 40 -18.09 -14.73 20.04
C GLN B 40 -18.63 -16.00 20.68
N GLN B 41 -19.44 -16.75 19.93
CA GLN B 41 -19.62 -18.17 20.24
C GLN B 41 -18.32 -18.94 19.90
N GLN B 42 -17.18 -18.35 20.27
CA GLN B 42 -15.86 -18.96 20.06
C GLN B 42 -14.79 -18.36 20.94
N PHE B 43 -14.61 -17.04 20.86
CA PHE B 43 -13.46 -16.35 21.50
C PHE B 43 -13.92 -15.33 22.54
N GLY B 44 -15.23 -15.16 22.66
CA GLY B 44 -15.80 -14.25 23.66
C GLY B 44 -15.84 -12.80 23.26
N PRO B 45 -15.62 -11.88 24.23
CA PRO B 45 -15.86 -10.43 24.18
C PRO B 45 -14.79 -9.53 23.51
N ILE B 46 -13.52 -9.94 23.59
CA ILE B 46 -12.43 -9.24 22.92
C ILE B 46 -11.70 -10.23 22.00
N PHE B 47 -12.23 -10.44 20.79
CA PHE B 47 -11.61 -11.32 19.80
C PHE B 47 -10.82 -10.60 18.71
N LYS B 48 -9.79 -11.27 18.18
CA LYS B 48 -9.02 -10.74 17.05
C LYS B 48 -9.41 -11.40 15.73
N THR B 49 -8.99 -10.75 14.65
CA THR B 49 -9.16 -11.24 13.28
C THR B 49 -8.14 -10.53 12.39
N ARG B 50 -8.33 -10.62 11.08
CA ARG B 50 -7.48 -9.86 10.16
C ARG B 50 -8.28 -9.47 8.93
N LEU B 51 -8.22 -8.19 8.59
CA LEU B 51 -8.99 -7.66 7.47
C LEU B 51 -8.16 -6.71 6.59
N PHE B 52 -8.15 -6.99 5.28
CA PHE B 52 -7.43 -6.18 4.28
C PHE B 52 -5.96 -5.86 4.64
N GLY B 53 -5.24 -6.85 5.15
CA GLY B 53 -3.81 -6.66 5.44
C GLY B 53 -3.50 -5.95 6.74
N LYS B 54 -4.50 -5.90 7.63
CA LYS B 54 -4.38 -5.30 8.96
C LYS B 54 -4.96 -6.28 9.98
N ASN B 55 -4.22 -6.50 11.07
CA ASN B 55 -4.80 -7.22 12.22
C ASN B 55 -5.74 -6.28 12.96
N VAL B 56 -6.82 -6.86 13.46
CA VAL B 56 -7.97 -6.10 13.98
C VAL B 56 -8.52 -6.76 15.24
N ILE B 57 -8.78 -5.93 16.26
CA ILE B 57 -9.43 -6.37 17.49
C ILE B 57 -10.87 -5.83 17.57
N PHE B 58 -11.81 -6.75 17.81
CA PHE B 58 -13.22 -6.40 17.96
C PHE B 58 -13.72 -6.37 19.40
N ILE B 59 -13.63 -5.20 20.04
CA ILE B 59 -14.19 -4.94 21.38
C ILE B 59 -15.61 -4.34 21.34
N SER B 60 -16.32 -4.38 22.47
CA SER B 60 -17.65 -3.74 22.62
C SER B 60 -18.14 -3.49 24.07
N GLY B 61 -19.15 -2.63 24.21
CA GLY B 61 -19.70 -2.26 25.52
C GLY B 61 -19.04 -1.05 26.13
N ALA B 62 -19.57 -0.64 27.28
CA ALA B 62 -19.21 0.62 27.96
C ALA B 62 -17.73 0.80 28.29
N LEU B 63 -17.05 -0.26 28.70
CA LEU B 63 -15.63 -0.10 29.05
C LEU B 63 -14.75 0.03 27.80
N ALA B 64 -15.06 -0.79 26.80
CA ALA B 64 -14.44 -0.70 25.48
C ALA B 64 -14.56 0.72 24.94
N ASN B 65 -15.78 1.25 24.93
CA ASN B 65 -16.07 2.61 24.49
C ASN B 65 -15.28 3.68 25.25
N ARG B 66 -15.37 3.62 26.58
CA ARG B 66 -14.59 4.50 27.45
C ARG B 66 -13.11 4.49 27.06
N PHE B 67 -12.54 3.30 26.90
CA PHE B 67 -11.16 3.14 26.42
C PHE B 67 -10.90 3.85 25.06
N LEU B 68 -11.78 3.61 24.08
CA LEU B 68 -11.67 4.27 22.77
C LEU B 68 -11.71 5.79 22.83
N PHE B 69 -12.46 6.32 23.80
CA PHE B 69 -12.76 7.74 23.86
C PHE B 69 -12.03 8.48 24.97
N THR B 70 -11.04 7.84 25.59
CA THR B 70 -10.22 8.52 26.60
C THR B 70 -8.76 8.38 26.18
N LYS B 71 -7.97 9.40 26.50
CA LYS B 71 -6.59 9.54 25.99
C LYS B 71 -6.59 9.19 24.49
N GLU B 72 -7.47 9.85 23.75
CA GLU B 72 -7.78 9.44 22.39
C GLU B 72 -6.78 10.03 21.44
N GLN B 73 -6.41 11.30 21.66
CA GLN B 73 -5.42 11.99 20.82
C GLN B 73 -4.15 11.15 20.62
N GLU B 74 -3.55 10.72 21.72
CA GLU B 74 -2.25 10.03 21.72
C GLU B 74 -2.31 8.60 21.17
N THR B 75 -3.46 7.94 21.34
CA THR B 75 -3.63 6.50 21.07
C THR B 75 -4.29 6.13 19.71
N PHE B 76 -5.45 6.73 19.39
CA PHE B 76 -6.27 6.34 18.22
C PHE B 76 -6.37 7.36 17.10
N GLN B 77 -6.26 6.88 15.86
CA GLN B 77 -6.56 7.70 14.67
C GLN B 77 -7.61 6.98 13.79
N ALA B 78 -8.46 7.75 13.10
CA ALA B 78 -9.47 7.19 12.20
C ALA B 78 -8.82 6.39 11.11
N THR B 79 -9.59 5.48 10.52
CA THR B 79 -9.11 4.58 9.50
C THR B 79 -10.30 4.25 8.58
N TRP B 80 -10.02 4.19 7.27
CA TRP B 80 -11.03 3.95 6.25
C TRP B 80 -10.52 2.94 5.24
N PRO B 81 -11.42 2.17 4.62
CA PRO B 81 -11.07 1.34 3.47
C PRO B 81 -10.56 2.17 2.28
N LEU B 82 -9.78 1.53 1.42
CA LEU B 82 -9.20 2.22 0.27
C LEU B 82 -10.23 2.99 -0.59
N SER B 83 -11.33 2.32 -0.97
CA SER B 83 -12.32 2.87 -1.88
C SER B 83 -13.03 4.06 -1.25
N THR B 84 -13.28 3.96 0.05
CA THR B 84 -13.80 5.08 0.85
C THR B 84 -12.81 6.24 0.90
N ARG B 85 -11.55 5.97 1.24
CA ARG B 85 -10.54 7.05 1.22
C ARG B 85 -10.58 7.81 -0.09
N ILE B 86 -10.56 7.08 -1.22
CA ILE B 86 -10.51 7.68 -2.56
C ILE B 86 -11.73 8.54 -2.89
N LEU B 87 -12.93 8.04 -2.57
CA LEU B 87 -14.20 8.71 -2.89
C LEU B 87 -14.64 9.82 -1.93
N LEU B 88 -14.08 9.83 -0.72
CA LEU B 88 -14.23 10.98 0.19
C LEU B 88 -13.14 11.95 -0.17
N GLY B 89 -11.99 11.41 -0.53
CA GLY B 89 -10.89 12.24 -0.99
C GLY B 89 -10.16 12.78 0.21
N PRO B 90 -8.97 13.36 -0.03
CA PRO B 90 -7.95 13.79 0.94
C PRO B 90 -8.34 14.98 1.83
N ASN B 91 -9.40 15.69 1.47
CA ASN B 91 -9.73 16.97 2.13
C ASN B 91 -11.10 17.04 2.82
N ALA B 92 -11.57 15.88 3.29
CA ALA B 92 -12.83 15.78 4.06
C ALA B 92 -12.50 15.53 5.54
N LEU B 93 -13.35 15.98 6.46
CA LEU B 93 -13.11 15.79 7.88
C LEU B 93 -12.67 14.35 8.22
N ALA B 94 -13.32 13.39 7.56
CA ALA B 94 -13.18 11.96 7.86
C ALA B 94 -11.79 11.42 7.56
N THR B 95 -11.11 12.01 6.59
CA THR B 95 -9.79 11.58 6.15
C THR B 95 -8.65 12.49 6.66
N GLN B 96 -9.02 13.65 7.19
CA GLN B 96 -8.05 14.55 7.81
C GLN B 96 -7.67 14.11 9.24
N MET B 97 -6.38 14.16 9.55
CA MET B 97 -5.82 13.60 10.79
C MET B 97 -5.34 14.71 11.74
N GLY B 98 -5.16 14.34 13.00
CA GLY B 98 -4.54 15.20 14.01
C GLY B 98 -4.89 16.68 14.00
N GLU B 99 -3.90 17.50 13.67
CA GLU B 99 -4.02 18.97 13.75
C GLU B 99 -4.96 19.61 12.71
N ILE B 100 -5.07 19.01 11.54
CA ILE B 100 -5.97 19.49 10.48
C ILE B 100 -7.41 19.12 10.79
N HIS B 101 -7.62 17.91 11.33
CA HIS B 101 -8.93 17.49 11.83
C HIS B 101 -9.41 18.41 12.95
N ARG B 102 -8.55 18.61 13.96
CA ARG B 102 -8.73 19.63 15.01
C ARG B 102 -9.21 20.97 14.45
N SER B 103 -8.45 21.52 13.50
CA SER B 103 -8.83 22.74 12.80
C SER B 103 -10.22 22.66 12.12
N ARG B 104 -10.41 21.71 11.20
CA ARG B 104 -11.65 21.62 10.40
C ARG B 104 -12.89 21.31 11.21
N ARG B 105 -12.71 20.56 12.29
CA ARG B 105 -13.75 20.29 13.27
C ARG B 105 -14.30 21.55 13.86
N LYS B 106 -13.44 22.53 14.18
CA LYS B 106 -13.90 23.77 14.78
C LYS B 106 -14.54 24.69 13.73
N ILE B 107 -13.99 24.69 12.52
CA ILE B 107 -14.58 25.44 11.42
C ILE B 107 -16.00 24.97 11.11
N LEU B 108 -16.13 23.71 10.69
CA LEU B 108 -17.42 23.06 10.41
C LEU B 108 -18.46 23.11 11.53
N TYR B 109 -18.01 23.03 12.78
CA TYR B 109 -18.94 23.13 13.89
C TYR B 109 -19.70 24.45 13.93
N GLN B 110 -19.24 25.45 13.18
CA GLN B 110 -19.92 26.77 13.14
C GLN B 110 -21.30 26.70 12.45
N ALA B 111 -21.41 25.78 11.50
CA ALA B 111 -22.69 25.44 10.86
C ALA B 111 -23.68 24.73 11.78
N PHE B 112 -23.27 24.39 13.01
CA PHE B 112 -24.08 23.61 13.95
C PHE B 112 -24.25 24.24 15.35
N LEU B 113 -23.87 25.52 15.49
CA LEU B 113 -24.00 26.24 16.78
C LEU B 113 -25.47 26.35 17.15
N PRO B 114 -25.82 26.24 18.45
CA PRO B 114 -27.25 26.16 18.78
C PRO B 114 -28.09 27.25 18.09
N ARG B 115 -27.64 28.49 18.22
CA ARG B 115 -28.22 29.65 17.56
C ARG B 115 -28.46 29.48 16.05
N THR B 116 -27.53 28.81 15.37
CA THR B 116 -27.58 28.60 13.92
C THR B 116 -28.58 27.50 13.53
N LEU B 117 -28.66 26.44 14.34
CA LEU B 117 -29.69 25.41 14.21
C LEU B 117 -31.13 25.97 14.25
N ASP B 118 -31.40 26.86 15.20
CA ASP B 118 -32.71 27.49 15.33
C ASP B 118 -33.07 28.29 14.08
N SER B 119 -32.07 28.98 13.53
CA SER B 119 -32.21 29.76 12.31
C SER B 119 -32.53 28.92 11.08
N TYR B 120 -32.25 27.62 11.17
CA TYR B 120 -32.58 26.62 10.13
C TYR B 120 -34.04 26.19 10.13
N LEU B 121 -34.72 26.37 11.26
CA LEU B 121 -36.10 25.90 11.44
C LEU B 121 -37.19 26.26 10.41
N PRO B 122 -37.32 27.56 10.03
CA PRO B 122 -38.27 27.93 8.98
C PRO B 122 -38.13 27.13 7.68
N LYS B 123 -36.94 27.09 7.09
CA LYS B 123 -36.69 26.34 5.85
C LYS B 123 -36.84 24.83 6.07
N MET B 124 -36.36 24.34 7.19
CA MET B 124 -36.47 22.92 7.52
C MET B 124 -37.94 22.53 7.65
N ASP B 125 -38.76 23.48 8.12
CA ASP B 125 -40.18 23.24 8.38
C ASP B 125 -41.04 23.29 7.12
N GLY B 126 -40.70 24.20 6.20
CA GLY B 126 -41.35 24.28 4.91
C GLY B 126 -41.17 23.00 4.10
N ILE B 127 -39.94 22.50 4.06
CA ILE B 127 -39.59 21.24 3.39
C ILE B 127 -40.27 20.02 4.02
N VAL B 128 -40.41 20.02 5.35
CA VAL B 128 -41.08 18.93 6.06
C VAL B 128 -42.60 19.00 5.84
N GLN B 129 -43.14 20.22 5.81
CA GLN B 129 -44.58 20.45 5.60
C GLN B 129 -45.03 20.13 4.17
N GLY B 130 -44.13 20.33 3.20
CA GLY B 130 -44.41 20.03 1.81
C GLY B 130 -44.56 18.54 1.58
N TYR B 131 -43.65 17.78 2.16
CA TYR B 131 -43.61 16.34 2.03
C TYR B 131 -44.75 15.68 2.78
N LEU B 132 -45.18 16.32 3.87
CA LEU B 132 -46.30 15.83 4.66
C LEU B 132 -47.62 15.80 3.88
N GLU B 133 -47.89 16.84 3.09
CA GLU B 133 -48.96 16.83 2.07
C GLU B 133 -48.89 15.66 1.05
N GLN B 134 -47.77 15.54 0.33
CA GLN B 134 -47.58 14.49 -0.68
C GLN B 134 -47.68 13.07 -0.10
N TRP B 135 -47.30 12.91 1.16
CA TRP B 135 -47.54 11.66 1.86
C TRP B 135 -49.02 11.55 2.27
N GLY B 136 -49.59 12.67 2.73
CA GLY B 136 -50.96 12.70 3.23
C GLY B 136 -52.01 12.38 2.20
N LYS B 137 -51.81 12.88 0.97
CA LYS B 137 -52.79 12.78 -0.11
C LYS B 137 -52.60 11.55 -1.01
N ALA B 138 -51.79 10.60 -0.55
CA ALA B 138 -51.57 9.35 -1.25
C ALA B 138 -52.14 8.19 -0.44
N ASN B 139 -52.91 7.32 -1.10
CA ASN B 139 -53.53 6.18 -0.45
C ASN B 139 -52.52 5.14 0.03
N GLU B 140 -51.27 5.32 -0.39
CA GLU B 140 -50.14 4.54 0.10
C GLU B 140 -48.82 5.27 -0.14
N VAL B 141 -47.94 5.21 0.85
CA VAL B 141 -46.59 5.78 0.74
C VAL B 141 -45.55 4.74 1.14
N ILE B 142 -44.65 4.43 0.21
CA ILE B 142 -43.41 3.72 0.51
C ILE B 142 -42.50 4.78 1.13
N TRP B 143 -42.11 4.59 2.40
CA TRP B 143 -41.55 5.70 3.18
C TRP B 143 -40.02 5.82 3.06
N TYR B 144 -39.30 4.70 3.14
CA TYR B 144 -37.84 4.79 3.20
C TYR B 144 -37.19 5.65 2.11
N PRO B 145 -37.39 5.31 0.81
CA PRO B 145 -36.85 6.12 -0.29
C PRO B 145 -37.37 7.54 -0.33
N GLN B 146 -38.52 7.77 0.27
CA GLN B 146 -39.12 9.10 0.36
C GLN B 146 -38.50 9.94 1.50
N LEU B 147 -38.05 9.26 2.55
CA LEU B 147 -37.39 9.95 3.66
C LEU B 147 -35.98 10.32 3.25
N ARG B 148 -35.36 9.41 2.50
CA ARG B 148 -34.05 9.64 1.87
C ARG B 148 -34.03 10.92 1.05
N ARG B 149 -35.13 11.14 0.34
CA ARG B 149 -35.30 12.28 -0.55
C ARG B 149 -35.58 13.54 0.25
N MET B 150 -36.41 13.42 1.28
CA MET B 150 -36.74 14.54 2.17
C MET B 150 -35.52 15.06 2.95
N THR B 151 -34.72 14.17 3.53
CA THR B 151 -33.52 14.61 4.25
C THR B 151 -32.50 15.26 3.31
N PHE B 152 -32.38 14.72 2.10
CA PHE B 152 -31.42 15.26 1.15
C PHE B 152 -31.79 16.68 0.81
N ASP B 153 -33.08 16.93 0.63
CA ASP B 153 -33.59 18.28 0.33
C ASP B 153 -33.30 19.20 1.49
N VAL B 154 -33.52 18.74 2.72
CA VAL B 154 -33.20 19.56 3.89
C VAL B 154 -31.73 19.90 3.89
N ALA B 155 -30.88 18.88 3.80
CA ALA B 155 -29.45 19.02 3.84
C ALA B 155 -28.95 20.00 2.78
N ALA B 156 -29.23 19.69 1.52
CA ALA B 156 -28.78 20.50 0.37
C ALA B 156 -29.33 21.94 0.35
N THR B 157 -30.46 22.16 1.03
CA THR B 157 -31.05 23.50 1.22
C THR B 157 -30.35 24.23 2.34
N LEU B 158 -30.24 23.57 3.48
CA LEU B 158 -29.67 24.23 4.64
C LEU B 158 -28.19 24.54 4.50
N PHE B 159 -27.46 23.71 3.72
CA PHE B 159 -26.00 23.91 3.53
C PHE B 159 -25.64 24.82 2.39
N MET B 160 -26.46 24.82 1.33
CA MET B 160 -26.11 25.51 0.10
C MET B 160 -27.17 26.44 -0.49
N GLY B 161 -28.37 26.49 0.08
CA GLY B 161 -29.43 27.39 -0.43
C GLY B 161 -30.47 26.71 -1.31
N GLU B 162 -31.68 27.28 -1.34
CA GLU B 162 -32.88 26.67 -1.94
C GLU B 162 -32.82 26.35 -3.43
N LYS B 163 -32.22 27.25 -4.22
CA LYS B 163 -32.19 27.10 -5.68
C LYS B 163 -31.33 25.90 -6.07
N VAL B 164 -30.21 25.75 -5.38
CA VAL B 164 -29.28 24.61 -5.60
C VAL B 164 -29.96 23.26 -5.33
N SER B 165 -30.97 23.28 -4.44
CA SER B 165 -31.78 22.10 -4.12
C SER B 165 -32.79 21.78 -5.23
N GLN B 166 -33.05 22.75 -6.10
CA GLN B 166 -33.97 22.56 -7.24
C GLN B 166 -33.23 22.13 -8.52
N ASN B 167 -31.94 21.77 -8.35
CA ASN B 167 -31.14 21.13 -9.39
C ASN B 167 -31.35 19.62 -9.32
N PRO B 168 -32.12 19.07 -10.29
CA PRO B 168 -32.70 17.73 -10.16
C PRO B 168 -31.71 16.62 -10.52
N GLN B 169 -30.55 16.97 -11.05
CA GLN B 169 -29.46 16.02 -11.28
C GLN B 169 -28.69 15.66 -10.01
N LEU B 170 -28.82 16.48 -8.95
CA LEU B 170 -28.00 16.27 -7.75
C LEU B 170 -28.31 15.01 -6.96
N PHE B 171 -29.57 14.77 -6.62
CA PHE B 171 -29.95 13.52 -5.93
C PHE B 171 -29.52 12.23 -6.61
N PRO B 172 -29.89 12.01 -7.90
CA PRO B 172 -29.45 10.80 -8.63
C PRO B 172 -27.94 10.55 -8.64
N TRP B 173 -27.14 11.59 -8.83
CA TRP B 173 -25.70 11.47 -8.81
C TRP B 173 -25.20 11.05 -7.42
N PHE B 174 -25.82 11.62 -6.38
CA PHE B 174 -25.42 11.42 -5.01
C PHE B 174 -25.78 10.03 -4.54
N GLU B 175 -26.89 9.49 -5.04
CA GLU B 175 -27.26 8.11 -4.76
C GLU B 175 -26.18 7.15 -5.27
N THR B 176 -25.77 7.31 -6.52
CA THR B 176 -24.72 6.49 -7.16
C THR B 176 -23.36 6.64 -6.47
N TYR B 177 -22.97 7.87 -6.16
CA TYR B 177 -21.79 8.13 -5.36
C TYR B 177 -21.80 7.28 -4.07
N ILE B 178 -22.84 7.46 -3.28
CA ILE B 178 -23.02 6.78 -1.99
C ILE B 178 -22.96 5.26 -2.07
N GLN B 179 -23.66 4.73 -3.07
CA GLN B 179 -23.73 3.30 -3.25
C GLN B 179 -22.40 2.57 -3.44
N GLY B 180 -21.36 3.25 -3.90
CA GLY B 180 -20.06 2.58 -4.08
C GLY B 180 -18.99 3.01 -3.10
N LEU B 181 -19.37 3.64 -2.00
CA LEU B 181 -18.41 4.17 -1.05
C LEU B 181 -17.64 3.10 -0.28
N PHE B 182 -18.28 1.95 -0.05
CA PHE B 182 -17.72 0.76 0.62
C PHE B 182 -17.75 -0.47 -0.30
N SER B 183 -17.67 -0.22 -1.59
CA SER B 183 -17.58 -1.23 -2.61
C SER B 183 -16.10 -1.53 -2.81
N LEU B 184 -15.78 -2.56 -3.59
CA LEU B 184 -14.37 -2.94 -3.82
C LEU B 184 -13.75 -1.93 -4.76
N PRO B 185 -12.48 -1.60 -4.53
CA PRO B 185 -11.88 -0.56 -5.35
C PRO B 185 -11.43 -1.16 -6.68
N ILE B 186 -12.38 -1.62 -7.50
CA ILE B 186 -12.08 -2.16 -8.82
C ILE B 186 -12.37 -1.08 -9.84
N PRO B 187 -11.31 -0.59 -10.52
CA PRO B 187 -11.41 0.59 -11.35
C PRO B 187 -11.71 0.24 -12.84
N LEU B 188 -12.81 -0.48 -13.06
CA LEU B 188 -13.36 -0.71 -14.39
C LEU B 188 -14.68 0.05 -14.36
N PRO B 189 -15.06 0.71 -15.49
CA PRO B 189 -16.21 1.63 -15.48
C PRO B 189 -17.51 1.05 -14.93
N ASN B 190 -17.85 -0.18 -15.31
CA ASN B 190 -19.05 -0.88 -14.89
C ASN B 190 -18.90 -1.69 -13.60
N THR B 191 -18.70 -0.97 -12.50
CA THR B 191 -18.60 -1.54 -11.18
C THR B 191 -19.22 -0.49 -10.28
N LEU B 192 -19.62 -0.86 -9.07
CA LEU B 192 -20.07 0.14 -8.07
C LEU B 192 -19.06 1.26 -7.91
N PHE B 193 -17.78 0.88 -7.85
CA PHE B 193 -16.69 1.83 -7.62
C PHE B 193 -16.51 2.81 -8.76
N GLY B 194 -16.49 2.32 -10.00
CA GLY B 194 -16.38 3.21 -11.18
C GLY B 194 -17.61 4.12 -11.35
N LYS B 195 -18.80 3.55 -11.20
CA LYS B 195 -20.02 4.38 -11.16
C LYS B 195 -19.91 5.53 -10.12
N SER B 196 -19.48 5.24 -8.88
CA SER B 196 -19.31 6.24 -7.81
C SER B 196 -18.31 7.29 -8.15
N GLN B 197 -17.17 6.84 -8.69
CA GLN B 197 -16.08 7.69 -9.16
C GLN B 197 -16.55 8.68 -10.18
N ARG B 198 -17.35 8.23 -11.13
CA ARG B 198 -17.89 9.12 -12.15
C ARG B 198 -18.95 10.04 -11.55
N ALA B 199 -19.81 9.51 -10.68
CA ALA B 199 -20.77 10.33 -9.89
C ALA B 199 -20.09 11.43 -9.03
N ARG B 200 -18.94 11.12 -8.44
CA ARG B 200 -18.13 12.12 -7.70
C ARG B 200 -17.68 13.24 -8.61
N ALA B 201 -17.22 12.89 -9.80
CA ALA B 201 -16.69 13.86 -10.74
C ALA B 201 -17.79 14.84 -11.14
N LEU B 202 -18.97 14.32 -11.43
CA LEU B 202 -20.12 15.17 -11.79
C LEU B 202 -20.57 16.09 -10.62
N LEU B 203 -20.51 15.56 -9.39
CA LEU B 203 -20.83 16.31 -8.17
C LEU B 203 -19.86 17.44 -7.88
N LEU B 204 -18.57 17.16 -8.03
CA LEU B 204 -17.53 18.16 -7.83
C LEU B 204 -17.66 19.29 -8.85
N ALA B 205 -17.92 18.96 -10.10
CA ALA B 205 -18.09 19.95 -11.16
C ALA B 205 -19.35 20.80 -10.96
N GLU B 206 -20.42 20.19 -10.44
CA GLU B 206 -21.58 20.96 -10.00
C GLU B 206 -21.32 21.79 -8.75
N LEU B 207 -20.50 21.27 -7.82
CA LEU B 207 -20.14 22.04 -6.63
C LEU B 207 -19.24 23.23 -6.98
N GLU B 208 -18.36 23.09 -7.97
CA GLU B 208 -17.51 24.21 -8.38
C GLU B 208 -18.36 25.41 -8.84
N LYS B 209 -19.26 25.18 -9.81
CA LYS B 209 -20.25 26.19 -10.25
C LYS B 209 -20.97 26.83 -9.08
N ILE B 210 -21.53 26.00 -8.20
CA ILE B 210 -22.25 26.49 -7.01
C ILE B 210 -21.40 27.41 -6.14
N ILE B 211 -20.15 27.01 -5.88
CA ILE B 211 -19.27 27.76 -5.00
C ILE B 211 -18.82 29.08 -5.64
N LYS B 212 -18.35 28.99 -6.89
CA LYS B 212 -17.88 30.16 -7.64
C LYS B 212 -18.95 31.24 -7.78
N ALA B 213 -20.22 30.83 -7.98
CA ALA B 213 -21.35 31.75 -8.04
C ALA B 213 -21.62 32.40 -6.69
N ARG B 214 -21.41 31.64 -5.62
CA ARG B 214 -21.60 32.18 -4.29
C ARG B 214 -20.42 33.09 -3.90
N GLN B 215 -19.26 32.87 -4.52
CA GLN B 215 -18.07 33.67 -4.27
C GLN B 215 -18.23 35.06 -4.86
N GLN B 216 -19.25 35.19 -5.70
CA GLN B 216 -19.52 36.38 -6.50
C GLN B 216 -20.67 37.18 -5.88
N GLN B 217 -20.93 36.93 -4.60
CA GLN B 217 -22.03 37.55 -3.85
C GLN B 217 -21.49 38.31 -2.64
N PRO B 218 -22.20 39.37 -2.22
CA PRO B 218 -22.01 39.95 -0.89
C PRO B 218 -21.92 38.85 0.17
N PRO B 219 -20.75 38.73 0.82
CA PRO B 219 -20.50 37.60 1.70
C PRO B 219 -21.47 37.51 2.87
N SER B 220 -22.07 36.33 3.06
CA SER B 220 -22.89 36.01 4.24
C SER B 220 -22.44 34.70 4.92
N GLU B 221 -22.97 34.44 6.12
CA GLU B 221 -22.60 33.27 6.91
C GLU B 221 -23.83 32.63 7.55
N GLU B 222 -24.92 32.61 6.79
CA GLU B 222 -26.23 32.10 7.23
C GLU B 222 -26.37 30.58 7.07
N ASP B 223 -25.51 30.00 6.23
CA ASP B 223 -25.50 28.54 6.02
C ASP B 223 -24.07 27.98 5.96
N ALA B 224 -23.96 26.68 5.70
CA ALA B 224 -22.67 25.97 5.77
C ALA B 224 -21.69 26.36 4.67
N LEU B 225 -22.22 26.72 3.51
CA LEU B 225 -21.37 27.16 2.41
C LEU B 225 -20.75 28.53 2.68
N GLY B 226 -21.53 29.45 3.25
CA GLY B 226 -21.05 30.77 3.62
C GLY B 226 -20.07 30.70 4.76
N ILE B 227 -20.35 29.83 5.72
CA ILE B 227 -19.47 29.62 6.86
C ILE B 227 -18.13 29.02 6.45
N LEU B 228 -18.16 28.20 5.41
CA LEU B 228 -16.95 27.60 4.86
C LEU B 228 -16.09 28.59 4.10
N LEU B 229 -16.72 29.46 3.31
CA LEU B 229 -16.01 30.50 2.57
C LEU B 229 -15.29 31.52 3.43
N ALA B 230 -15.94 31.94 4.53
CA ALA B 230 -15.39 32.91 5.46
C ALA B 230 -14.36 32.30 6.42
N ALA B 231 -14.24 30.98 6.40
CA ALA B 231 -13.38 30.28 7.36
C ALA B 231 -11.93 30.46 6.96
N ARG B 232 -11.06 30.34 7.97
CA ARG B 232 -9.62 30.49 7.83
C ARG B 232 -8.91 29.32 8.53
N ASP B 233 -7.92 28.73 7.85
CA ASP B 233 -7.08 27.70 8.48
C ASP B 233 -6.08 28.32 9.47
N ASP B 234 -5.40 27.48 10.25
CA ASP B 234 -4.53 27.92 11.34
C ASP B 234 -3.42 28.88 10.90
N ASN B 235 -3.12 28.86 9.61
CA ASN B 235 -2.25 29.85 8.96
C ASN B 235 -3.01 31.06 8.43
N ASN B 236 -4.26 31.21 8.84
CA ASN B 236 -5.09 32.33 8.42
C ASN B 236 -5.34 32.40 6.89
N GLN B 237 -5.50 31.24 6.25
CA GLN B 237 -5.76 31.17 4.82
C GLN B 237 -7.13 30.56 4.58
N PRO B 238 -7.79 30.96 3.46
CA PRO B 238 -9.07 30.41 3.07
C PRO B 238 -8.96 28.91 2.76
N LEU B 239 -10.01 28.16 3.06
CA LEU B 239 -10.09 26.80 2.54
C LEU B 239 -10.02 26.89 1.03
N SER B 240 -9.19 26.02 0.47
CA SER B 240 -8.99 25.95 -0.96
C SER B 240 -10.21 25.34 -1.60
N LEU B 241 -10.28 25.40 -2.93
CA LEU B 241 -11.46 24.95 -3.64
C LEU B 241 -11.73 23.43 -3.58
N PRO B 242 -10.69 22.59 -3.81
CA PRO B 242 -10.94 21.15 -3.67
C PRO B 242 -11.36 20.72 -2.27
N GLU B 243 -10.92 21.44 -1.24
CA GLU B 243 -11.36 21.21 0.14
C GLU B 243 -12.79 21.73 0.48
N LEU B 244 -13.16 22.89 -0.04
CA LEU B 244 -14.55 23.35 0.11
C LEU B 244 -15.55 22.27 -0.37
N LYS B 245 -15.23 21.69 -1.53
CA LYS B 245 -16.08 20.69 -2.20
C LYS B 245 -16.12 19.38 -1.46
N ASP B 246 -14.97 18.77 -1.22
CA ASP B 246 -14.83 17.64 -0.29
C ASP B 246 -15.59 17.79 1.04
N GLN B 247 -15.49 18.95 1.68
CA GLN B 247 -16.13 19.13 2.98
C GLN B 247 -17.63 19.14 2.92
N ILE B 248 -18.16 19.71 1.84
CA ILE B 248 -19.61 19.76 1.60
C ILE B 248 -20.14 18.39 1.19
N LEU B 249 -19.41 17.68 0.36
CA LEU B 249 -19.76 16.31 0.05
C LEU B 249 -19.77 15.44 1.31
N LEU B 250 -18.78 15.64 2.18
CA LEU B 250 -18.72 14.89 3.45
C LEU B 250 -19.95 15.11 4.30
N LEU B 251 -20.37 16.36 4.40
CA LEU B 251 -21.53 16.74 5.18
C LEU B 251 -22.78 16.03 4.66
N LEU B 252 -22.86 15.90 3.34
CA LEU B 252 -24.00 15.28 2.66
C LEU B 252 -23.98 13.79 2.86
N PHE B 253 -22.88 13.13 2.52
CA PHE B 253 -22.64 11.73 2.89
C PHE B 253 -22.97 11.41 4.36
N ALA B 254 -22.25 12.06 5.28
CA ALA B 254 -22.34 11.74 6.71
C ALA B 254 -23.72 11.88 7.35
N GLY B 255 -24.60 12.64 6.72
CA GLY B 255 -25.98 12.77 7.22
C GLY B 255 -27.04 11.98 6.47
N HIS B 256 -26.69 11.38 5.32
CA HIS B 256 -27.68 10.80 4.43
C HIS B 256 -28.34 9.49 4.91
N GLU B 257 -27.62 8.39 4.78
CA GLU B 257 -28.15 7.10 5.22
C GLU B 257 -28.39 7.02 6.74
N THR B 258 -27.64 7.78 7.53
CA THR B 258 -27.82 7.81 9.00
C THR B 258 -29.15 8.45 9.42
N LEU B 259 -29.36 9.71 9.06
CA LEU B 259 -30.59 10.38 9.46
C LEU B 259 -31.84 9.70 8.85
N THR B 260 -31.77 9.32 7.56
CA THR B 260 -32.84 8.54 6.90
C THR B 260 -33.25 7.33 7.73
N SER B 261 -32.25 6.51 8.10
CA SER B 261 -32.45 5.34 8.96
C SER B 261 -33.16 5.66 10.27
N ALA B 262 -32.73 6.76 10.90
CA ALA B 262 -33.26 7.25 12.16
C ALA B 262 -34.73 7.58 12.03
N LEU B 263 -35.08 8.31 10.97
CA LEU B 263 -36.45 8.77 10.74
C LEU B 263 -37.39 7.60 10.39
N SER B 264 -36.91 6.71 9.53
CA SER B 264 -37.64 5.50 9.17
C SER B 264 -37.89 4.64 10.42
N SER B 265 -36.90 4.55 11.31
CA SER B 265 -37.06 3.77 12.53
C SER B 265 -38.10 4.34 13.50
N PHE B 266 -38.18 5.66 13.60
CA PHE B 266 -39.21 6.31 14.37
C PHE B 266 -40.59 6.17 13.74
N CYS B 267 -40.64 6.19 12.41
CA CYS B 267 -41.87 6.03 11.65
C CYS B 267 -42.37 4.59 11.76
N LEU B 268 -41.40 3.67 11.92
CA LEU B 268 -41.66 2.27 12.14
C LEU B 268 -42.24 2.09 13.54
N LEU B 269 -41.46 2.49 14.55
CA LEU B 269 -41.75 2.13 15.94
C LEU B 269 -42.97 2.78 16.54
N LEU B 270 -43.25 4.01 16.12
CA LEU B 270 -44.43 4.77 16.59
C LEU B 270 -45.65 4.52 15.72
N GLY B 271 -45.41 3.98 14.52
CA GLY B 271 -46.47 3.38 13.72
C GLY B 271 -47.06 2.26 14.55
N GLN B 272 -46.23 1.26 14.84
CA GLN B 272 -46.64 0.06 15.62
C GLN B 272 -46.81 0.19 17.15
N HIS B 273 -46.42 1.32 17.74
CA HIS B 273 -46.65 1.59 19.17
C HIS B 273 -47.52 2.84 19.31
N SER B 274 -48.81 2.69 19.05
CA SER B 274 -49.73 3.82 18.91
C SER B 274 -50.07 4.54 20.23
N ASP B 275 -49.85 3.87 21.36
CA ASP B 275 -50.06 4.49 22.68
C ASP B 275 -48.97 5.55 22.94
N ILE B 276 -47.72 5.17 22.68
CA ILE B 276 -46.56 6.08 22.72
C ILE B 276 -46.73 7.33 21.83
N ARG B 277 -47.33 7.13 20.66
CA ARG B 277 -47.61 8.20 19.70
C ARG B 277 -48.63 9.19 20.26
N GLU B 278 -49.69 8.65 20.86
CA GLU B 278 -50.72 9.47 21.55
C GLU B 278 -50.18 10.17 22.80
N ARG B 279 -49.24 9.52 23.51
CA ARG B 279 -48.52 10.15 24.63
C ARG B 279 -47.77 11.42 24.16
N VAL B 280 -47.05 11.30 23.04
CA VAL B 280 -46.35 12.41 22.40
C VAL B 280 -47.34 13.45 21.90
N ARG B 281 -48.55 13.00 21.54
CA ARG B 281 -49.60 13.93 21.10
C ARG B 281 -50.15 14.69 22.29
N GLN B 282 -50.41 13.99 23.40
CA GLN B 282 -50.86 14.66 24.63
C GLN B 282 -49.84 15.66 25.16
N GLU B 283 -48.55 15.32 25.01
CA GLU B 283 -47.46 16.26 25.32
C GLU B 283 -47.64 17.56 24.53
N GLN B 284 -47.99 17.42 23.25
CA GLN B 284 -48.20 18.56 22.34
C GLN B 284 -49.43 19.39 22.70
N ASN B 285 -50.46 18.71 23.17
CA ASN B 285 -51.73 19.36 23.52
C ASN B 285 -51.65 20.20 24.78
N LYS B 286 -50.92 19.70 25.79
CA LYS B 286 -50.68 20.44 27.04
C LYS B 286 -49.90 21.74 26.80
N LEU B 287 -49.13 21.75 25.72
CA LEU B 287 -48.65 23.00 25.11
C LEU B 287 -49.85 23.55 24.32
N GLN B 288 -49.97 24.86 24.21
CA GLN B 288 -51.17 25.42 23.54
C GLN B 288 -50.88 25.79 22.08
N LEU B 289 -50.44 24.79 21.29
CA LEU B 289 -49.69 25.06 20.05
C LEU B 289 -50.48 25.18 18.74
N SER B 290 -50.05 26.11 17.89
CA SER B 290 -50.67 26.42 16.61
C SER B 290 -49.92 25.73 15.46
N GLN B 291 -50.06 26.28 14.26
CA GLN B 291 -49.17 25.94 13.13
C GLN B 291 -47.95 26.89 13.14
N GLU B 292 -47.57 27.30 14.35
CA GLU B 292 -46.40 28.13 14.61
C GLU B 292 -45.47 27.41 15.58
N LEU B 293 -44.28 27.03 15.10
CA LEU B 293 -43.29 26.36 15.93
C LEU B 293 -42.00 27.17 16.08
N THR B 294 -41.62 27.42 17.34
CA THR B 294 -40.33 28.05 17.63
C THR B 294 -39.32 27.02 18.13
N ALA B 295 -38.04 27.41 18.16
CA ALA B 295 -36.98 26.59 18.76
C ALA B 295 -37.24 26.36 20.25
N GLU B 296 -37.90 27.33 20.89
CA GLU B 296 -38.21 27.27 22.31
C GLU B 296 -39.36 26.28 22.62
N THR B 297 -40.32 26.18 21.73
CA THR B 297 -41.42 25.23 21.88
C THR B 297 -40.95 23.78 21.78
N LEU B 298 -39.95 23.55 20.94
CA LEU B 298 -39.39 22.21 20.75
C LEU B 298 -38.62 21.72 21.97
N LYS B 299 -38.19 22.66 22.81
CA LYS B 299 -37.43 22.35 24.01
C LYS B 299 -38.34 22.16 25.22
N LYS B 300 -39.60 21.81 24.96
CA LYS B 300 -40.58 21.53 25.99
C LYS B 300 -41.15 20.16 25.71
N MET B 301 -40.29 19.30 25.19
CA MET B 301 -40.70 17.98 24.74
C MET B 301 -39.82 16.90 25.33
N PRO B 302 -39.71 16.86 26.68
CA PRO B 302 -38.93 15.83 27.36
C PRO B 302 -39.42 14.42 27.12
N TYR B 303 -40.72 14.25 26.87
CA TYR B 303 -41.19 12.91 26.57
C TYR B 303 -40.80 12.48 25.16
N LEU B 304 -40.92 13.39 24.17
CA LEU B 304 -40.47 13.10 22.82
C LEU B 304 -38.97 12.89 22.79
N ASP B 305 -38.26 13.62 23.65
CA ASP B 305 -36.83 13.49 23.79
C ASP B 305 -36.49 12.07 24.19
N GLN B 306 -37.24 11.51 25.13
CA GLN B 306 -37.05 10.12 25.56
C GLN B 306 -37.31 9.10 24.45
N VAL B 307 -38.40 9.32 23.72
CA VAL B 307 -38.78 8.49 22.58
C VAL B 307 -37.61 8.45 21.58
N LEU B 308 -37.08 9.63 21.26
CA LEU B 308 -35.98 9.73 20.30
C LEU B 308 -34.71 9.09 20.80
N GLN B 309 -34.48 9.15 22.11
CA GLN B 309 -33.36 8.45 22.74
C GLN B 309 -33.47 6.94 22.57
N GLU B 310 -34.69 6.43 22.67
CA GLU B 310 -34.97 5.00 22.56
C GLU B 310 -34.97 4.48 21.09
N VAL B 311 -35.45 5.31 20.16
CA VAL B 311 -35.35 4.98 18.73
C VAL B 311 -33.89 4.66 18.37
N LEU B 312 -33.01 5.63 18.68
CA LEU B 312 -31.58 5.53 18.40
C LEU B 312 -30.88 4.42 19.17
N ARG B 313 -31.57 3.91 20.19
CA ARG B 313 -31.02 2.90 21.08
C ARG B 313 -31.30 1.52 20.52
N LEU B 314 -32.54 1.31 20.13
CA LEU B 314 -33.01 -0.01 19.70
C LEU B 314 -32.54 -0.27 18.29
N ILE B 315 -32.64 0.76 17.43
CA ILE B 315 -32.16 0.70 16.07
C ILE B 315 -31.11 1.81 15.82
N PRO B 316 -29.85 1.56 16.21
CA PRO B 316 -28.77 2.50 15.94
C PRO B 316 -28.44 2.59 14.44
N PRO B 317 -28.55 3.81 13.86
CA PRO B 317 -28.28 4.10 12.45
C PRO B 317 -26.85 3.81 12.03
N VAL B 318 -25.90 3.95 12.96
CA VAL B 318 -24.49 3.61 12.71
C VAL B 318 -24.07 2.45 13.59
N GLY B 319 -23.64 1.37 12.96
CA GLY B 319 -23.33 0.11 13.66
C GLY B 319 -22.17 0.21 14.63
N GLY B 320 -21.23 1.11 14.33
CA GLY B 320 -19.95 1.15 15.03
C GLY B 320 -18.90 1.76 14.13
N GLY B 321 -17.64 1.34 14.34
CA GLY B 321 -16.53 1.99 13.66
C GLY B 321 -15.19 1.40 14.02
N PHE B 322 -14.14 2.04 13.52
CA PHE B 322 -12.79 1.51 13.49
C PHE B 322 -11.84 2.65 13.77
N ARG B 323 -10.82 2.37 14.56
CA ARG B 323 -9.68 3.26 14.75
C ARG B 323 -8.44 2.40 14.52
N GLU B 324 -7.30 3.06 14.42
CA GLU B 324 -6.03 2.40 14.35
C GLU B 324 -5.12 2.85 15.51
N LEU B 325 -4.50 1.87 16.18
CA LEU B 325 -3.52 2.11 17.24
C LEU B 325 -2.26 2.79 16.73
N ILE B 326 -2.00 4.01 17.19
CA ILE B 326 -0.77 4.73 16.81
C ILE B 326 0.31 4.48 17.85
N GLN B 327 -0.04 3.72 18.88
CA GLN B 327 0.77 3.59 20.05
C GLN B 327 0.48 2.26 20.68
N ASP B 328 1.50 1.63 21.26
CA ASP B 328 1.31 0.33 21.87
C ASP B 328 0.55 0.62 23.16
N CYS B 329 -0.53 -0.12 23.40
CA CYS B 329 -1.34 0.12 24.60
C CYS B 329 -2.08 -1.14 25.05
N GLN B 330 -2.92 -0.98 26.08
CA GLN B 330 -3.47 -2.12 26.83
C GLN B 330 -4.88 -1.83 27.35
N PHE B 331 -5.71 -2.87 27.36
CA PHE B 331 -7.08 -2.77 27.85
C PHE B 331 -7.56 -4.16 28.19
N GLN B 332 -8.27 -4.26 29.32
CA GLN B 332 -8.66 -5.53 29.95
C GLN B 332 -7.47 -6.49 30.11
N GLY B 333 -6.32 -5.91 30.48
CA GLY B 333 -5.05 -6.61 30.64
C GLY B 333 -4.42 -7.14 29.35
N PHE B 334 -5.19 -7.02 28.25
CA PHE B 334 -4.82 -7.54 26.92
C PHE B 334 -3.85 -6.60 26.28
N HIS B 335 -3.14 -7.14 25.30
CA HIS B 335 -2.20 -6.37 24.56
C HIS B 335 -2.90 -5.93 23.26
N PHE B 336 -2.83 -4.62 23.00
CA PHE B 336 -3.38 -3.99 21.80
C PHE B 336 -2.22 -3.34 21.06
N PRO B 337 -1.58 -4.09 20.14
CA PRO B 337 -0.31 -3.68 19.51
C PRO B 337 -0.44 -2.53 18.53
N LYS B 338 0.65 -1.80 18.32
CA LYS B 338 0.72 -0.72 17.33
C LYS B 338 0.23 -1.22 15.96
N GLY B 339 -0.28 -0.28 15.14
CA GLY B 339 -0.63 -0.57 13.75
C GLY B 339 -1.63 -1.69 13.48
N TRP B 340 -2.19 -2.25 14.56
CA TRP B 340 -3.34 -3.13 14.47
C TRP B 340 -4.53 -2.18 14.44
N LEU B 341 -5.71 -2.68 14.10
CA LEU B 341 -6.94 -1.89 14.14
C LEU B 341 -7.84 -2.34 15.29
N VAL B 342 -8.72 -1.44 15.75
CA VAL B 342 -9.74 -1.75 16.76
C VAL B 342 -11.13 -1.29 16.29
N SER B 343 -12.12 -2.12 16.52
CA SER B 343 -13.48 -1.86 16.09
C SER B 343 -14.45 -1.96 17.26
N TYR B 344 -15.06 -0.84 17.61
CA TYR B 344 -16.14 -0.82 18.60
C TYR B 344 -17.48 -0.99 17.91
N GLN B 345 -18.40 -1.67 18.58
CA GLN B 345 -19.70 -1.96 18.02
C GLN B 345 -20.71 -1.23 18.84
N ILE B 346 -21.40 -0.27 18.21
CA ILE B 346 -22.45 0.49 18.86
C ILE B 346 -23.68 -0.38 19.04
N SER B 347 -24.15 -1.05 17.99
CA SER B 347 -25.39 -1.81 18.10
C SER B 347 -25.28 -3.02 19.03
N GLN B 348 -24.06 -3.53 19.20
CA GLN B 348 -23.77 -4.51 20.24
C GLN B 348 -23.95 -3.92 21.65
N THR B 349 -23.40 -2.73 21.90
CA THR B 349 -23.58 -2.00 23.16
C THR B 349 -25.05 -1.71 23.49
N HIS B 350 -25.87 -1.51 22.46
CA HIS B 350 -27.28 -1.14 22.63
C HIS B 350 -28.24 -2.32 22.75
N ALA B 351 -27.72 -3.54 22.56
CA ALA B 351 -28.52 -4.75 22.70
C ALA B 351 -28.05 -5.58 23.90
N ASP B 352 -26.99 -5.09 24.55
CA ASP B 352 -26.52 -5.61 25.83
C ASP B 352 -27.69 -5.66 26.83
N PRO B 353 -27.93 -6.85 27.44
CA PRO B 353 -29.12 -7.07 28.29
C PRO B 353 -29.04 -6.44 29.67
N ASP B 354 -27.82 -6.26 30.19
CA ASP B 354 -27.60 -5.64 31.48
C ASP B 354 -27.91 -4.15 31.38
N LEU B 355 -27.17 -3.45 30.53
CA LEU B 355 -27.43 -2.07 30.15
C LEU B 355 -28.89 -1.75 29.76
N TYR B 356 -29.55 -2.69 29.07
CA TYR B 356 -30.94 -2.51 28.62
C TYR B 356 -31.77 -3.79 28.80
N PRO B 357 -32.31 -4.02 30.03
CA PRO B 357 -33.16 -5.19 30.30
C PRO B 357 -34.32 -5.35 29.31
N ASP B 358 -34.55 -6.59 28.86
CA ASP B 358 -35.48 -6.89 27.79
C ASP B 358 -35.09 -6.07 26.53
N PRO B 359 -33.86 -6.30 26.00
CA PRO B 359 -33.22 -5.52 24.92
C PRO B 359 -34.09 -5.22 23.70
N GLU B 360 -35.11 -6.05 23.45
CA GLU B 360 -35.90 -6.01 22.22
C GLU B 360 -37.17 -5.16 22.30
N LYS B 361 -37.58 -4.79 23.50
CA LYS B 361 -38.77 -3.96 23.69
C LYS B 361 -38.42 -2.50 23.49
N PHE B 362 -39.30 -1.79 22.80
CA PHE B 362 -39.19 -0.35 22.65
C PHE B 362 -39.80 0.34 23.88
N ASP B 363 -38.95 0.65 24.86
CA ASP B 363 -39.40 1.33 26.08
C ASP B 363 -38.70 2.69 26.35
N PRO B 364 -39.39 3.79 25.97
CA PRO B 364 -38.99 5.19 26.22
C PRO B 364 -38.94 5.58 27.70
N GLU B 365 -39.50 4.74 28.59
CA GLU B 365 -39.36 4.97 30.03
C GLU B 365 -37.92 4.77 30.50
N ARG B 366 -37.18 3.90 29.82
CA ARG B 366 -35.79 3.61 30.18
C ARG B 366 -34.95 4.89 30.33
N PHE B 367 -35.35 5.97 29.66
CA PHE B 367 -34.65 7.27 29.72
C PHE B 367 -35.29 8.35 30.63
N THR B 368 -36.42 8.00 31.28
CA THR B 368 -37.06 8.83 32.32
C THR B 368 -36.08 9.10 33.47
N PRO B 369 -36.00 10.35 33.98
CA PRO B 369 -35.14 10.82 35.07
C PRO B 369 -34.56 9.78 36.04
N ASP B 370 -35.33 8.76 36.39
CA ASP B 370 -34.84 7.72 37.32
C ASP B 370 -34.89 6.30 36.69
N GLY B 371 -34.99 6.24 35.37
CA GLY B 371 -35.13 4.98 34.63
C GLY B 371 -33.85 4.18 34.47
N SER B 372 -33.96 3.04 33.80
CA SER B 372 -32.85 2.09 33.66
C SER B 372 -31.59 2.66 33.01
N ALA B 373 -31.76 3.48 31.99
CA ALA B 373 -30.65 3.95 31.16
C ALA B 373 -29.86 5.07 31.86
N THR B 374 -30.54 5.76 32.77
CA THR B 374 -29.93 6.81 33.56
C THR B 374 -28.96 6.22 34.60
N HIS B 375 -29.21 4.99 35.04
CA HIS B 375 -28.39 4.31 36.05
C HIS B 375 -27.26 3.48 35.44
N ASN B 376 -26.82 3.85 34.25
CA ASN B 376 -25.77 3.14 33.54
C ASN B 376 -24.49 3.96 33.53
N PRO B 377 -23.32 3.29 33.51
CA PRO B 377 -22.05 4.00 33.48
C PRO B 377 -21.92 4.84 32.19
N PRO B 378 -20.98 5.81 32.18
CA PRO B 378 -20.71 6.54 30.94
C PRO B 378 -20.45 5.59 29.77
N PHE B 379 -20.94 5.98 28.58
CA PHE B 379 -20.73 5.29 27.30
C PHE B 379 -21.58 4.05 27.12
N ALA B 380 -22.83 4.13 27.56
CA ALA B 380 -23.80 3.04 27.41
C ALA B 380 -24.85 3.29 26.32
N HIS B 381 -25.08 4.58 26.03
CA HIS B 381 -25.88 5.02 24.91
C HIS B 381 -24.87 5.80 24.10
N VAL B 382 -24.57 5.28 22.91
CA VAL B 382 -23.51 5.81 22.07
C VAL B 382 -23.94 5.88 20.59
N PRO B 383 -25.17 6.37 20.33
CA PRO B 383 -25.62 6.32 18.94
C PRO B 383 -24.80 7.24 18.05
N PHE B 384 -24.05 8.14 18.69
CA PHE B 384 -23.27 9.18 18.00
C PHE B 384 -21.78 9.01 18.19
N GLY B 385 -21.37 7.89 18.77
CA GLY B 385 -19.95 7.67 19.09
C GLY B 385 -19.55 8.45 20.34
N GLY B 386 -18.31 8.93 20.35
CA GLY B 386 -17.84 9.78 21.41
C GLY B 386 -16.45 10.27 21.11
N GLY B 387 -15.91 11.05 22.04
CA GLY B 387 -14.53 11.53 21.91
C GLY B 387 -14.29 12.48 20.77
N LEU B 388 -13.10 12.40 20.16
CA LEU B 388 -12.65 13.36 19.17
C LEU B 388 -13.43 13.32 17.83
N ARG B 389 -14.02 12.18 17.50
CA ARG B 389 -14.72 11.97 16.25
C ARG B 389 -16.23 11.82 16.46
N GLU B 390 -16.75 12.27 17.61
CA GLU B 390 -18.18 12.09 17.93
C GLU B 390 -18.99 12.84 16.90
N CYS B 391 -20.14 12.30 16.51
CA CYS B 391 -20.94 12.88 15.44
C CYS B 391 -20.91 14.40 15.51
N LEU B 392 -20.43 15.05 14.46
CA LEU B 392 -20.45 16.48 14.41
C LEU B 392 -21.88 17.06 14.09
N GLY B 393 -22.83 16.22 13.67
CA GLY B 393 -24.17 16.72 13.33
C GLY B 393 -25.30 16.17 14.18
N LYS B 394 -25.00 15.69 15.39
CA LYS B 394 -26.04 15.13 16.26
C LYS B 394 -27.16 16.07 16.69
N GLU B 395 -26.80 17.31 17.01
CA GLU B 395 -27.78 18.27 17.46
C GLU B 395 -28.64 18.70 16.30
N PHE B 396 -28.04 18.84 15.12
CA PHE B 396 -28.76 18.95 13.85
C PHE B 396 -29.67 17.74 13.57
N ALA B 397 -29.20 16.55 13.91
CA ALA B 397 -29.94 15.30 13.71
C ALA B 397 -31.13 15.29 14.65
N ARG B 398 -30.88 15.57 15.92
CA ARG B 398 -31.92 15.60 16.95
C ARG B 398 -33.02 16.62 16.59
N LEU B 399 -32.60 17.78 16.08
CA LEU B 399 -33.50 18.85 15.66
C LEU B 399 -34.40 18.49 14.46
N GLU B 400 -33.82 17.92 13.40
CA GLU B 400 -34.61 17.39 12.28
C GLU B 400 -35.55 16.25 12.72
N MET B 401 -35.03 15.26 13.45
CA MET B 401 -35.81 14.18 13.99
C MET B 401 -36.99 14.69 14.84
N LYS B 402 -36.73 15.74 15.59
CA LYS B 402 -37.69 16.27 16.55
C LYS B 402 -38.75 17.09 15.82
N LEU B 403 -38.32 17.92 14.87
CA LEU B 403 -39.25 18.69 14.06
C LEU B 403 -40.15 17.82 13.19
N PHE B 404 -39.59 16.72 12.67
CA PHE B 404 -40.31 15.73 11.88
C PHE B 404 -41.33 14.94 12.71
N ALA B 405 -40.90 14.46 13.86
CA ALA B 405 -41.80 13.75 14.77
C ALA B 405 -42.96 14.65 15.17
N THR B 406 -42.66 15.94 15.36
CA THR B 406 -43.65 16.91 15.82
C THR B 406 -44.70 17.21 14.75
N ARG B 407 -44.27 17.65 13.57
CA ARG B 407 -45.20 17.92 12.48
C ARG B 407 -45.93 16.65 11.99
N LEU B 408 -45.29 15.49 12.10
CA LEU B 408 -45.94 14.24 11.74
C LEU B 408 -47.08 13.91 12.68
N ILE B 409 -46.78 13.80 13.98
CA ILE B 409 -47.77 13.45 15.01
C ILE B 409 -48.84 14.53 15.24
N GLN B 410 -48.48 15.79 15.05
CA GLN B 410 -49.47 16.86 15.12
C GLN B 410 -50.62 16.64 14.12
N GLN B 411 -50.24 16.49 12.85
CA GLN B 411 -51.17 16.47 11.72
C GLN B 411 -51.67 15.09 11.28
N PHE B 412 -50.99 14.00 11.65
CA PHE B 412 -51.35 12.71 11.09
C PHE B 412 -51.27 11.56 12.07
N ASP B 413 -52.16 10.59 11.88
CA ASP B 413 -51.90 9.23 12.32
C ASP B 413 -51.38 8.47 11.11
N TRP B 414 -50.96 7.23 11.32
CA TRP B 414 -50.53 6.41 10.20
C TRP B 414 -50.59 4.93 10.49
N THR B 415 -50.81 4.17 9.42
CA THR B 415 -50.95 2.74 9.52
C THR B 415 -49.89 2.08 8.64
N LEU B 416 -49.08 1.23 9.26
CA LEU B 416 -48.18 0.37 8.52
C LEU B 416 -49.05 -0.63 7.74
N LEU B 417 -48.50 -1.25 6.69
CA LEU B 417 -49.29 -2.23 5.91
C LEU B 417 -49.05 -3.68 6.35
N PRO B 418 -50.10 -4.53 6.32
CA PRO B 418 -49.90 -5.91 6.76
C PRO B 418 -49.21 -6.79 5.70
N GLY B 419 -48.44 -7.78 6.18
CA GLY B 419 -47.82 -8.78 5.33
C GLY B 419 -46.47 -8.42 4.73
N GLN B 420 -45.96 -7.23 5.04
CA GLN B 420 -44.67 -6.76 4.51
C GLN B 420 -43.47 -7.15 5.41
N ASN B 421 -42.35 -7.50 4.80
CA ASN B 421 -41.14 -7.77 5.56
C ASN B 421 -40.62 -6.46 6.18
N LEU B 422 -40.74 -6.38 7.49
CA LEU B 422 -40.51 -5.18 8.28
C LEU B 422 -39.13 -5.30 8.90
N GLU B 423 -38.54 -6.48 8.76
CA GLU B 423 -37.20 -6.80 9.27
C GLU B 423 -36.10 -5.90 8.73
N LEU B 424 -34.93 -5.95 9.38
CA LEU B 424 -33.87 -4.97 9.14
C LEU B 424 -32.62 -5.49 8.43
N VAL B 425 -32.21 -4.76 7.40
CA VAL B 425 -30.88 -4.90 6.82
C VAL B 425 -30.03 -3.76 7.38
N VAL B 426 -28.72 -3.97 7.52
CA VAL B 426 -27.77 -2.94 7.95
C VAL B 426 -26.70 -2.67 6.86
N THR B 427 -27.14 -2.03 5.78
CA THR B 427 -26.33 -1.86 4.56
C THR B 427 -26.26 -0.41 4.02
N PRO B 428 -25.49 0.47 4.67
CA PRO B 428 -24.77 0.35 5.93
C PRO B 428 -25.58 0.91 7.10
N SER B 429 -26.90 1.03 6.91
CA SER B 429 -27.82 1.52 7.93
C SER B 429 -29.09 0.66 7.99
N PRO B 430 -29.57 0.36 9.21
CA PRO B 430 -30.85 -0.31 9.45
C PRO B 430 -32.02 0.21 8.59
N ARG B 431 -32.76 -0.72 7.99
CA ARG B 431 -33.74 -0.45 6.95
C ARG B 431 -34.75 -1.60 6.87
N PRO B 432 -36.05 -1.30 7.07
CA PRO B 432 -37.07 -2.31 6.79
C PRO B 432 -37.02 -2.78 5.33
N LYS B 433 -36.94 -4.09 5.13
CA LYS B 433 -36.81 -4.71 3.80
C LYS B 433 -37.86 -4.30 2.77
N ASP B 434 -39.04 -3.89 3.21
CA ASP B 434 -40.07 -3.45 2.24
C ASP B 434 -40.17 -1.93 2.16
N ASN B 435 -39.19 -1.26 2.76
CA ASN B 435 -39.05 0.20 2.71
C ASN B 435 -40.29 0.96 3.23
N LEU B 436 -40.96 0.32 4.18
CA LEU B 436 -42.07 0.89 4.94
C LEU B 436 -43.24 1.35 4.07
N ARG B 437 -44.07 0.40 3.67
CA ARG B 437 -45.34 0.74 3.02
C ARG B 437 -46.28 1.21 4.15
N VAL B 438 -47.04 2.27 3.89
CA VAL B 438 -47.74 3.02 4.95
C VAL B 438 -48.93 3.82 4.39
N LYS B 439 -49.89 4.19 5.26
CA LYS B 439 -50.93 5.18 4.90
C LYS B 439 -51.14 6.23 6.01
N LEU B 440 -51.34 7.49 5.60
CA LEU B 440 -51.44 8.62 6.54
C LEU B 440 -52.89 9.16 6.71
N HIS B 441 -53.35 9.18 7.96
CA HIS B 441 -54.74 9.47 8.27
C HIS B 441 -54.91 10.85 8.88
N SER B 442 -55.07 11.86 8.01
CA SER B 442 -55.04 13.27 8.41
C SER B 442 -55.75 13.59 9.72
CHA HEM C . 24.47 -3.81 -7.53
CHB HEM C . 25.95 -5.60 -11.77
CHC HEM C . 28.51 -9.06 -9.47
CHD HEM C . 27.37 -6.94 -5.24
C1A HEM C . 24.67 -3.96 -8.89
C2A HEM C . 24.18 -3.11 -9.94
C3A HEM C . 24.60 -3.60 -11.11
C4A HEM C . 25.36 -4.79 -10.83
CMA HEM C . 24.32 -3.04 -12.53
CAA HEM C . 23.34 -1.83 -9.77
CBA HEM C . 21.89 -2.12 -9.45
CGA HEM C . 21.05 -0.94 -9.86
O1A HEM C . 21.41 -0.27 -10.83
O2A HEM C . 20.02 -0.64 -9.23
C1B HEM C . 26.80 -6.67 -11.48
C2B HEM C . 27.57 -7.38 -12.48
C3B HEM C . 28.25 -8.34 -11.88
C4B HEM C . 27.98 -8.27 -10.45
CMB HEM C . 27.59 -7.13 -13.99
CAB HEM C . 29.21 -9.26 -12.70
CBB HEM C . 29.73 -10.38 -12.23
C1C HEM C . 28.44 -8.79 -8.12
C2C HEM C . 29.05 -9.55 -7.05
C3C HEM C . 28.72 -8.95 -5.89
C4C HEM C . 27.90 -7.81 -6.19
CMC HEM C . 29.94 -10.79 -7.25
CAC HEM C . 29.11 -9.33 -4.42
CBC HEM C . 30.14 -10.11 -4.15
C1D HEM C . 26.44 -5.96 -5.41
C2D HEM C . 25.72 -5.24 -4.35
C3D HEM C . 24.81 -4.27 -5.07
C4D HEM C . 25.06 -4.50 -6.50
CMD HEM C . 25.80 -5.35 -2.82
CAD HEM C . 23.86 -3.27 -4.38
CBD HEM C . 24.66 -2.00 -4.09
CGD HEM C . 23.84 -0.95 -3.36
O1D HEM C . 24.46 -0.01 -2.79
O2D HEM C . 22.57 -1.05 -3.33
NA HEM C . 25.38 -4.98 -9.46
NB HEM C . 27.07 -7.23 -10.23
NC HEM C . 27.75 -7.75 -7.57
ND HEM C . 26.01 -5.50 -6.64
FE HEM C . 26.69 -6.32 -8.35
CHA HEM D . -19.68 10.93 12.63
CHB HEM D . -23.84 8.86 13.96
CHC HEM D . -26.29 12.18 11.43
CHD HEM D . -22.21 14.58 10.57
C1A HEM D . -20.57 10.07 13.22
C2A HEM D . -20.26 8.95 14.10
C3A HEM D . -21.41 8.39 14.47
C4A HEM D . -22.49 9.12 13.84
CMA HEM D . -21.60 7.16 15.37
CAA HEM D . -18.86 8.50 14.57
CBA HEM D . -17.96 7.97 13.48
CGA HEM D . -16.98 7.04 14.16
O1A HEM D . -17.42 6.04 14.78
O2A HEM D . -15.76 7.30 14.10
C1B HEM D . -24.85 9.61 13.40
C2B HEM D . -26.27 9.37 13.61
C3B HEM D . -26.93 10.28 12.89
C4B HEM D . -25.96 11.12 12.23
CMB HEM D . -26.87 8.24 14.47
CAB HEM D . -28.46 10.47 12.75
CBB HEM D . -29.30 10.27 13.78
C1C HEM D . -25.43 13.16 11.02
C2C HEM D . -25.78 14.39 10.34
C3C HEM D . -24.63 15.04 10.10
C4C HEM D . -23.55 14.23 10.62
CMC HEM D . -27.22 14.83 10.00
CAC HEM D . -24.35 16.41 9.44
CBC HEM D . -25.10 16.95 8.49
C1D HEM D . -21.15 13.78 10.95
C2D HEM D . -19.76 14.05 10.65
C3D HEM D . -18.97 12.90 11.29
C4D HEM D . -19.97 12.06 11.91
CMD HEM D . -19.17 15.23 9.85
CAD HEM D . -17.43 12.73 11.25
CBD HEM D . -16.91 13.59 12.39
CGD HEM D . -15.41 13.59 12.47
O1D HEM D . -14.87 14.45 13.21
O2D HEM D . -14.77 12.73 11.79
NA HEM D . -21.93 10.15 13.08
NB HEM D . -24.69 10.71 12.57
NC HEM D . -24.08 13.09 11.18
ND HEM D . -21.24 12.61 11.68
FE HEM D . -22.94 11.82 12.26
#